data_6TMO
#
_entry.id   6TMO
#
_cell.length_a   121.490
_cell.length_b   121.490
_cell.length_c   82.680
_cell.angle_alpha   90.000
_cell.angle_beta   90.000
_cell.angle_gamma   90.000
#
_symmetry.space_group_name_H-M   'P 43'
#
loop_
_entity.id
_entity.type
_entity.pdbx_description
1 polymer 'MHC class I antigen'
2 polymer Beta-2-microglobulin
3 polymer EAAGIGILTV
4 polymer 'Alpha chain of engineered high affinity T-cell receptor'
5 polymer 'Beta chain of high affinity engineered T-cell receptor'
6 non-polymer GLYCEROL
7 non-polymer 1,2-ETHANEDIOL
8 non-polymer 'SULFATE ION'
9 non-polymer TRIS(HYDROXYETHYL)AMINOMETHANE
10 water water
#
loop_
_entity_poly.entity_id
_entity_poly.type
_entity_poly.pdbx_seq_one_letter_code
_entity_poly.pdbx_strand_id
1 'polypeptide(L)'
;GSHSMRYFFTSVSRPGRGEPRFIAVGYVDDTQFVRFDSDAASQRMEPRAPWIEQEGPEYWDGETRKVKAHSQTHRVDLGT
LRGYYNQSEAGSHTVQRMYGCDVGSDWRFLRGYHQYAYDGKDYIALKEDLRSWTAADMAAQTTKHKWEAAHVAEQLRAYL
EGTCVEWLRRYLENGKETLQRTDAPKTHMTHHAVSDHEATLRCWALSFYPAEITLTWQRDGEDQTQDTELVETRPAGDGT
FQKWAAVVVPSGQEQRYTCHVQHEGLPKPLTLRWEP
;
A
2 'polypeptide(L)'
;MIQRTPKIQVYSRHPAENGKSNFLNCYVSGFHPSDIEVDLLKNGERIEKVEHSDLSFSKDWSFYLLYYTEFTPTEKDEYA
CRVNHVTLSQPKIVKWDRDM
;
B
3 'polypeptide(L)' EAAGIGILTV C
4 'polypeptide(L)'
;KQEVEQNSGPLSVPEGAIASLNCTYSFLGSQSFFWYRQYSGKSPELIMFTYREGDKEDGRFTAQLNKASQHVSLLIRDSQ
PSDSATYLCAVNDGGRLTFGDGTTLTVKPNIQNPDPAVYQLRDSKSSDKSVCLFTDFDSQTNVSQSKDSDVYITDKCVLD
MRSMDFKSNSAVAWSNKSDFACANAFNNSIIPEDTFF
;
D
5 'polypeptide(L)'
;SQTIHQWPATLVQPVGSPLSLECTVEGTSNPNLYWYRQAAGRGPQLLFYWGPFGQISSEVPQNLSASRPQDRQFILSSKK
LLLSDSGFYLCAWSETGLGMGGWQFGEGSRLTVLEDLKNVFPPEVAVFEPSEAEISHTQKATLVCLATGFYPDHVELSWW
VNGKEVHSGVCTDPQPLKEQPALNDSRYALSSRLRVSATFWQDPRNHFRCQVQFYGLSENDEWTQDRAKPVTQIVSAEAW
GRAD
;
E
#
loop_
_chem_comp.id
_chem_comp.type
_chem_comp.name
_chem_comp.formula
EDO non-polymer 1,2-ETHANEDIOL 'C2 H6 O2'
GOL non-polymer GLYCEROL 'C3 H8 O3'
SO4 non-polymer 'SULFATE ION' 'O4 S -2'
TAM non-polymer TRIS(HYDROXYETHYL)AMINOMETHANE 'C7 H17 N O3'
#
# COMPACT_ATOMS: atom_id res chain seq x y z
N GLY A 1 -17.01 30.76 -3.72
CA GLY A 1 -17.87 29.85 -4.52
C GLY A 1 -17.55 28.41 -4.20
N SER A 2 -18.08 27.50 -5.01
CA SER A 2 -17.84 26.07 -4.85
C SER A 2 -16.54 25.74 -5.48
N HIS A 3 -16.02 24.56 -5.16
CA HIS A 3 -14.79 24.12 -5.72
C HIS A 3 -14.86 22.64 -5.91
N SER A 4 -13.95 22.12 -6.73
CA SER A 4 -13.85 20.70 -6.98
C SER A 4 -12.41 20.25 -7.14
N MET A 5 -12.19 18.96 -6.91
CA MET A 5 -10.94 18.33 -7.22
C MET A 5 -11.32 17.09 -8.05
N ARG A 6 -10.66 16.94 -9.18
CA ARG A 6 -10.93 15.84 -10.10
C ARG A 6 -9.67 15.24 -10.72
N TYR A 7 -9.69 13.90 -10.80
CA TYR A 7 -8.66 13.13 -11.45
C TYR A 7 -9.26 12.40 -12.67
N PHE A 8 -8.52 12.47 -13.77
CA PHE A 8 -8.88 11.89 -15.04
C PHE A 8 -7.79 10.92 -15.50
N PHE A 9 -8.21 9.70 -15.83
CA PHE A 9 -7.29 8.65 -16.25
C PHE A 9 -7.74 8.08 -17.59
N THR A 10 -6.80 8.02 -18.55
CA THR A 10 -7.00 7.41 -19.88
C THR A 10 -5.92 6.34 -20.21
N SER A 11 -6.34 5.13 -20.60
CA SER A 11 -5.43 4.09 -21.05
C SER A 11 -5.89 3.64 -22.42
N VAL A 12 -4.96 3.58 -23.36
CA VAL A 12 -5.26 3.23 -24.70
C VAL A 12 -4.36 2.09 -25.09
N SER A 13 -4.94 0.95 -25.48
CA SER A 13 -4.13 -0.21 -25.89
C SER A 13 -3.48 0.05 -27.23
N ARG A 14 -2.32 -0.54 -27.43
CA ARG A 14 -1.53 -0.31 -28.64
C ARG A 14 -1.00 -1.62 -29.21
N PRO A 15 -1.88 -2.40 -29.83
CA PRO A 15 -1.50 -3.71 -30.38
C PRO A 15 -0.18 -3.66 -31.13
N GLY A 16 0.73 -4.56 -30.77
CA GLY A 16 2.02 -4.63 -31.45
C GLY A 16 3.07 -3.65 -30.93
N ARG A 17 2.73 -2.88 -29.90
CA ARG A 17 3.72 -1.95 -29.30
C ARG A 17 3.97 -2.30 -27.84
N GLY A 18 3.30 -3.33 -27.35
CA GLY A 18 3.48 -3.75 -25.98
C GLY A 18 2.54 -3.08 -25.00
N GLU A 19 3.02 -2.06 -24.31
CA GLU A 19 2.19 -1.47 -23.29
C GLU A 19 1.29 -0.32 -23.76
N PRO A 20 0.15 -0.19 -23.13
CA PRO A 20 -0.79 0.91 -23.46
C PRO A 20 -0.25 2.26 -23.08
N ARG A 21 -0.79 3.28 -23.72
CA ARG A 21 -0.48 4.62 -23.40
C ARG A 21 -1.38 4.98 -22.24
N PHE A 22 -0.80 5.56 -21.18
CA PHE A 22 -1.54 5.96 -19.99
C PHE A 22 -1.24 7.40 -19.64
N ILE A 23 -2.29 8.18 -19.46
CA ILE A 23 -2.17 9.57 -19.15
C ILE A 23 -3.14 9.89 -18.03
N ALA A 24 -2.63 10.47 -16.96
CA ALA A 24 -3.41 10.92 -15.81
C ALA A 24 -3.21 12.41 -15.60
N VAL A 25 -4.28 13.11 -15.26
CA VAL A 25 -4.18 14.54 -14.94
C VAL A 25 -5.08 14.81 -13.75
N GLY A 26 -4.70 15.78 -12.94
CA GLY A 26 -5.51 16.16 -11.80
C GLY A 26 -5.75 17.63 -11.87
N TYR A 27 -6.97 18.03 -11.48
CA TYR A 27 -7.39 19.41 -11.47
C TYR A 27 -8.00 19.86 -10.13
N VAL A 28 -7.81 21.13 -9.82
CA VAL A 28 -8.56 21.78 -8.77
C VAL A 28 -9.30 22.87 -9.56
N ASP A 29 -10.62 22.83 -9.52
CA ASP A 29 -11.46 23.75 -10.30
C ASP A 29 -10.97 23.64 -11.74
N ASP A 30 -10.65 24.74 -12.38
CA ASP A 30 -10.16 24.69 -13.77
C ASP A 30 -8.62 24.75 -13.87
N THR A 31 -7.92 24.42 -12.80
CA THR A 31 -6.48 24.51 -12.81
C THR A 31 -5.88 23.13 -12.69
N GLN A 32 -5.12 22.76 -13.71
CA GLN A 32 -4.47 21.48 -13.71
C GLN A 32 -3.30 21.55 -12.71
N PHE A 33 -3.13 20.55 -11.86
CA PHE A 33 -2.02 20.65 -10.89
C PHE A 33 -1.00 19.48 -10.91
N VAL A 34 -1.39 18.35 -11.50
CA VAL A 34 -0.49 17.20 -11.68
C VAL A 34 -0.74 16.47 -13.01
N ARG A 35 0.26 15.74 -13.46
CA ARG A 35 0.13 14.90 -14.62
C ARG A 35 1.09 13.70 -14.51
N PHE A 36 0.73 12.61 -15.18
CA PHE A 36 1.59 11.49 -15.37
C PHE A 36 1.36 11.03 -16.83
N ASP A 37 2.45 10.80 -17.55
CA ASP A 37 2.37 10.25 -18.92
C ASP A 37 3.32 9.05 -19.01
N SER A 38 2.79 7.88 -19.33
CA SER A 38 3.58 6.65 -19.41
C SER A 38 4.71 6.72 -20.43
N ASP A 39 4.60 7.59 -21.42
CA ASP A 39 5.63 7.70 -22.41
C ASP A 39 6.70 8.72 -22.06
N ALA A 40 6.54 9.47 -20.98
CA ALA A 40 7.55 10.50 -20.63
C ALA A 40 8.75 9.86 -19.91
N ALA A 41 9.85 10.56 -19.89
CA ALA A 41 11.07 9.99 -19.33
C ALA A 41 11.10 9.85 -17.81
N SER A 42 10.47 10.78 -17.09
CA SER A 42 10.59 10.80 -15.63
C SER A 42 10.00 9.59 -14.94
N GLN A 43 8.88 9.10 -15.46
CA GLN A 43 8.12 8.02 -14.81
C GLN A 43 7.70 8.46 -13.37
N ARG A 44 7.35 9.74 -13.24
CA ARG A 44 6.95 10.33 -11.98
C ARG A 44 5.68 11.14 -12.15
N MET A 45 4.87 11.22 -11.09
CA MET A 45 3.80 12.17 -11.10
C MET A 45 4.51 13.52 -11.07
N GLU A 46 4.09 14.45 -11.92
CA GLU A 46 4.76 15.74 -12.03
C GLU A 46 3.83 16.92 -11.73
N PRO A 47 4.39 17.98 -11.12
CA PRO A 47 3.62 19.19 -10.81
C PRO A 47 3.27 20.02 -12.04
N ARG A 48 2.09 20.63 -12.05
CA ARG A 48 1.70 21.51 -13.15
C ARG A 48 1.18 22.86 -12.68
N ALA A 49 1.23 23.08 -11.37
CA ALA A 49 0.87 24.36 -10.75
C ALA A 49 1.94 24.65 -9.68
N PRO A 50 2.24 25.94 -9.43
CA PRO A 50 3.29 26.32 -8.47
C PRO A 50 3.05 25.89 -7.02
N TRP A 51 1.81 25.95 -6.54
CA TRP A 51 1.54 25.65 -5.13
C TRP A 51 1.65 24.16 -4.72
N ILE A 52 1.58 23.22 -5.68
CA ILE A 52 1.70 21.80 -5.36
C ILE A 52 3.21 21.45 -5.22
N GLU A 53 4.07 22.30 -5.76
CA GLU A 53 5.51 22.06 -5.70
C GLU A 53 6.08 22.04 -4.31
N GLN A 54 5.41 22.66 -3.37
CA GLN A 54 5.87 22.66 -2.00
C GLN A 54 5.58 21.34 -1.25
N GLU A 55 4.79 20.45 -1.83
CA GLU A 55 4.60 19.16 -1.19
C GLU A 55 5.97 18.47 -1.20
N GLY A 56 6.24 17.73 -0.13
CA GLY A 56 7.54 17.09 0.04
C GLY A 56 7.66 15.80 -0.75
N PRO A 57 8.86 15.19 -0.72
CA PRO A 57 9.13 13.98 -1.46
C PRO A 57 8.25 12.79 -1.09
N GLU A 58 7.78 12.70 0.17
CA GLU A 58 6.90 11.60 0.58
C GLU A 58 5.61 11.66 -0.23
N TYR A 59 5.09 12.88 -0.39
CA TYR A 59 3.90 13.08 -1.13
C TYR A 59 4.10 12.65 -2.56
N TRP A 60 5.15 13.15 -3.21
CA TRP A 60 5.38 12.81 -4.65
C TRP A 60 5.58 11.33 -4.87
N ASP A 61 6.37 10.70 -4.01
CA ASP A 61 6.59 9.27 -4.14
C ASP A 61 5.24 8.52 -4.06
N GLY A 62 4.41 8.91 -3.10
CA GLY A 62 3.11 8.24 -2.90
C GLY A 62 2.22 8.41 -4.09
N GLU A 63 2.14 9.63 -4.61
CA GLU A 63 1.29 9.88 -5.76
C GLU A 63 1.80 9.10 -6.97
N THR A 64 3.13 9.01 -7.11
CA THR A 64 3.71 8.29 -8.21
C THR A 64 3.36 6.78 -8.10
N ARG A 65 3.50 6.22 -6.91
CA ARG A 65 3.11 4.80 -6.69
C ARG A 65 1.67 4.57 -7.05
N LYS A 66 0.78 5.44 -6.57
CA LYS A 66 -0.62 5.24 -6.82
C LYS A 66 -0.98 5.38 -8.30
N VAL A 67 -0.41 6.37 -8.97
CA VAL A 67 -0.79 6.57 -10.35
C VAL A 67 -0.30 5.39 -11.21
N LYS A 68 0.89 4.87 -10.89
CA LYS A 68 1.40 3.71 -11.59
C LYS A 68 0.50 2.50 -11.32
N ALA A 69 -0.01 2.39 -10.09
CA ALA A 69 -0.92 1.28 -9.78
C ALA A 69 -2.22 1.40 -10.59
N HIS A 70 -2.75 2.62 -10.76
CA HIS A 70 -3.96 2.85 -11.57
C HIS A 70 -3.67 2.39 -12.96
N SER A 71 -2.47 2.73 -13.46
CA SER A 71 -2.07 2.36 -14.82
C SER A 71 -2.10 0.84 -15.04
N GLN A 72 -1.52 0.11 -14.11
CA GLN A 72 -1.44 -1.33 -14.26
C GLN A 72 -2.80 -1.96 -14.09
N THR A 73 -3.66 -1.35 -13.27
CA THR A 73 -5.01 -1.86 -13.08
C THR A 73 -5.80 -1.74 -14.41
N HIS A 74 -5.71 -0.58 -15.04
CA HIS A 74 -6.34 -0.35 -16.36
C HIS A 74 -5.80 -1.33 -17.42
N ARG A 75 -4.52 -1.67 -17.35
CA ARG A 75 -3.91 -2.57 -18.26
C ARG A 75 -4.53 -3.98 -18.10
N VAL A 76 -4.75 -4.41 -16.85
CA VAL A 76 -5.45 -5.66 -16.63
C VAL A 76 -6.87 -5.54 -17.23
N ASP A 77 -7.56 -4.46 -16.88
CA ASP A 77 -8.92 -4.20 -17.41
C ASP A 77 -9.02 -4.31 -18.92
N LEU A 78 -8.08 -3.71 -19.64
CA LEU A 78 -8.06 -3.77 -21.11
C LEU A 78 -8.12 -5.22 -21.58
N GLY A 79 -7.39 -6.12 -20.91
CA GLY A 79 -7.40 -7.54 -21.26
C GLY A 79 -8.76 -8.18 -20.94
N THR A 80 -9.25 -7.94 -19.72
CA THR A 80 -10.56 -8.47 -19.31
C THR A 80 -11.71 -8.01 -20.22
N LEU A 81 -11.74 -6.71 -20.53
CA LEU A 81 -12.81 -6.17 -21.36
C LEU A 81 -12.76 -6.71 -22.78
N ARG A 82 -11.57 -6.91 -23.31
CA ARG A 82 -11.42 -7.49 -24.64
C ARG A 82 -12.13 -8.85 -24.63
N GLY A 83 -11.99 -9.57 -23.50
CA GLY A 83 -12.65 -10.88 -23.34
C GLY A 83 -14.17 -10.76 -23.23
N TYR A 84 -14.64 -9.87 -22.36
CA TYR A 84 -16.08 -9.66 -22.15
C TYR A 84 -16.81 -9.25 -23.43
N TYR A 85 -16.13 -8.51 -24.32
CA TYR A 85 -16.77 -8.06 -25.55
C TYR A 85 -16.35 -8.85 -26.78
N ASN A 86 -15.68 -9.96 -26.54
CA ASN A 86 -15.28 -10.82 -27.58
C ASN A 86 -14.52 -10.09 -28.72
N GLN A 87 -13.55 -9.28 -28.36
CA GLN A 87 -12.78 -8.51 -29.32
C GLN A 87 -11.45 -9.20 -29.60
N SER A 88 -10.82 -8.86 -30.71
CA SER A 88 -9.53 -9.44 -31.05
C SER A 88 -8.38 -8.61 -30.42
N GLU A 89 -7.16 -9.09 -30.62
CA GLU A 89 -6.00 -8.38 -30.13
C GLU A 89 -5.49 -7.37 -31.15
N ALA A 90 -6.19 -7.27 -32.27
CA ALA A 90 -5.79 -6.37 -33.33
C ALA A 90 -6.18 -4.90 -33.08
N GLY A 91 -7.28 -4.66 -32.39
CA GLY A 91 -7.79 -3.32 -32.23
C GLY A 91 -7.31 -2.58 -31.01
N SER A 92 -7.23 -1.27 -31.15
CA SER A 92 -6.92 -0.35 -30.03
C SER A 92 -8.22 -0.07 -29.33
N HIS A 93 -8.20 -0.10 -27.99
CA HIS A 93 -9.36 0.17 -27.15
C HIS A 93 -8.99 1.11 -26.04
N THR A 94 -9.98 1.78 -25.46
CA THR A 94 -9.75 2.78 -24.48
C THR A 94 -10.51 2.58 -23.20
N VAL A 95 -9.80 2.72 -22.10
CA VAL A 95 -10.42 2.71 -20.80
C VAL A 95 -10.24 4.08 -20.20
N GLN A 96 -11.32 4.66 -19.67
CA GLN A 96 -11.22 5.94 -18.97
C GLN A 96 -11.87 5.86 -17.60
N ARG A 97 -11.25 6.54 -16.63
CA ARG A 97 -11.82 6.68 -15.28
C ARG A 97 -11.74 8.15 -14.82
N MET A 98 -12.77 8.59 -14.14
CA MET A 98 -12.78 9.91 -13.59
C MET A 98 -13.41 9.85 -12.22
N TYR A 99 -12.86 10.61 -11.27
CA TYR A 99 -13.42 10.71 -9.95
C TYR A 99 -13.06 12.00 -9.28
N GLY A 100 -13.76 12.34 -8.21
CA GLY A 100 -13.51 13.57 -7.50
C GLY A 100 -14.67 14.01 -6.61
N CYS A 101 -14.54 15.19 -6.03
CA CYS A 101 -15.47 15.73 -5.10
C CYS A 101 -15.69 17.20 -5.31
N ASP A 102 -16.89 17.67 -4.98
CA ASP A 102 -17.23 19.09 -5.02
C ASP A 102 -17.47 19.52 -3.59
N VAL A 103 -17.14 20.78 -3.28
CA VAL A 103 -17.43 21.38 -1.99
C VAL A 103 -18.11 22.71 -2.29
N GLY A 104 -18.95 23.19 -1.37
CA GLY A 104 -19.65 24.44 -1.55
C GLY A 104 -18.83 25.64 -1.08
N SER A 105 -19.50 26.77 -0.97
CA SER A 105 -18.86 28.02 -0.53
C SER A 105 -18.32 27.97 0.87
N ASP A 106 -18.84 27.05 1.68
CA ASP A 106 -18.34 26.86 3.04
C ASP A 106 -17.26 25.78 3.07
N TRP A 107 -16.90 25.27 1.89
CA TRP A 107 -15.86 24.22 1.72
C TRP A 107 -16.26 22.87 2.31
N ARG A 108 -17.56 22.70 2.56
CA ARG A 108 -18.06 21.41 3.02
C ARG A 108 -18.50 20.57 1.84
N PHE A 109 -18.35 19.25 1.98
CA PHE A 109 -18.71 18.28 0.96
C PHE A 109 -20.11 18.50 0.35
N LEU A 110 -20.19 18.53 -0.98
CA LEU A 110 -21.49 18.63 -1.68
C LEU A 110 -21.80 17.33 -2.40
N ARG A 111 -20.81 16.78 -3.10
CA ARG A 111 -21.04 15.54 -3.80
C ARG A 111 -19.75 14.91 -4.22
N GLY A 112 -19.81 13.62 -4.53
CA GLY A 112 -18.69 12.88 -5.00
C GLY A 112 -19.10 12.09 -6.25
N TYR A 113 -18.12 11.68 -7.04
CA TYR A 113 -18.36 10.89 -8.22
C TYR A 113 -17.20 9.96 -8.54
N HIS A 114 -17.51 8.84 -9.18
CA HIS A 114 -16.51 7.88 -9.64
C HIS A 114 -17.16 7.16 -10.84
N GLN A 115 -16.63 7.39 -12.04
CA GLN A 115 -17.21 6.87 -13.27
C GLN A 115 -16.14 6.22 -14.14
N TYR A 116 -16.58 5.26 -14.95
CA TYR A 116 -15.66 4.47 -15.77
C TYR A 116 -16.30 4.27 -17.17
N ALA A 117 -15.49 4.36 -18.22
CA ALA A 117 -15.97 4.18 -19.58
C ALA A 117 -15.08 3.25 -20.38
N TYR A 118 -15.68 2.58 -21.34
CA TYR A 118 -14.95 1.74 -22.25
C TYR A 118 -15.31 2.13 -23.64
N ASP A 119 -14.29 2.33 -24.46
CA ASP A 119 -14.48 2.75 -25.84
C ASP A 119 -15.40 3.91 -26.00
N GLY A 120 -15.23 4.90 -25.13
CA GLY A 120 -15.99 6.16 -25.20
C GLY A 120 -17.44 6.13 -24.69
N LYS A 121 -17.89 4.99 -24.18
CA LYS A 121 -19.24 4.84 -23.61
C LYS A 121 -19.20 4.47 -22.14
N ASP A 122 -20.20 4.96 -21.40
CA ASP A 122 -20.37 4.64 -19.98
C ASP A 122 -20.32 3.14 -19.80
N TYR A 123 -19.61 2.70 -18.80
CA TYR A 123 -19.48 1.29 -18.49
C TYR A 123 -20.11 1.07 -17.10
N ILE A 124 -19.55 1.72 -16.08
CA ILE A 124 -20.12 1.64 -14.75
C ILE A 124 -19.84 2.99 -14.03
N ALA A 125 -20.79 3.41 -13.22
CA ALA A 125 -20.65 4.66 -12.49
C ALA A 125 -21.30 4.55 -11.10
N LEU A 126 -20.69 5.21 -10.14
CA LEU A 126 -21.21 5.25 -8.80
C LEU A 126 -22.32 6.32 -8.81
N LYS A 127 -23.48 6.00 -8.25
CA LYS A 127 -24.53 7.01 -8.17
C LYS A 127 -24.21 7.99 -7.06
N GLU A 128 -24.98 9.05 -6.97
CA GLU A 128 -24.75 10.08 -5.98
C GLU A 128 -24.92 9.63 -4.47
N ASP A 129 -25.61 8.53 -4.22
CA ASP A 129 -25.74 8.06 -2.84
C ASP A 129 -24.40 7.42 -2.40
N LEU A 130 -23.45 7.38 -3.34
CA LEU A 130 -22.13 6.82 -3.12
C LEU A 130 -22.18 5.40 -2.58
N ARG A 131 -23.21 4.67 -2.97
CA ARG A 131 -23.40 3.31 -2.54
C ARG A 131 -23.85 2.41 -3.72
N SER A 132 -24.70 2.93 -4.60
CA SER A 132 -25.25 2.16 -5.72
C SER A 132 -24.44 2.29 -7.03
N TRP A 133 -24.51 1.28 -7.87
CA TRP A 133 -23.83 1.30 -9.13
C TRP A 133 -24.82 1.27 -10.31
N THR A 134 -24.51 2.03 -11.35
CA THR A 134 -25.27 1.98 -12.57
C THR A 134 -24.39 1.26 -13.57
N ALA A 135 -24.85 0.11 -14.04
CA ALA A 135 -24.09 -0.71 -15.00
C ALA A 135 -24.71 -0.62 -16.40
N ALA A 136 -23.89 -0.35 -17.41
CA ALA A 136 -24.43 -0.15 -18.78
C ALA A 136 -25.01 -1.41 -19.48
N ASP A 137 -24.46 -2.60 -19.21
CA ASP A 137 -24.85 -3.82 -19.92
C ASP A 137 -24.45 -5.07 -19.07
N MET A 138 -24.51 -6.26 -19.68
CA MET A 138 -24.20 -7.53 -19.01
C MET A 138 -22.76 -7.61 -18.52
N ALA A 139 -21.82 -7.06 -19.29
CA ALA A 139 -20.44 -7.04 -18.90
C ALA A 139 -20.29 -6.19 -17.62
N ALA A 140 -20.79 -4.96 -17.67
CA ALA A 140 -20.72 -4.06 -16.53
C ALA A 140 -21.49 -4.64 -15.30
N GLN A 141 -22.52 -5.48 -15.53
CA GLN A 141 -23.21 -6.14 -14.40
C GLN A 141 -22.28 -7.10 -13.68
N THR A 142 -21.42 -7.75 -14.43
CA THR A 142 -20.46 -8.68 -13.84
C THR A 142 -19.48 -7.87 -12.97
N THR A 143 -19.02 -6.75 -13.49
CA THR A 143 -18.16 -5.89 -12.74
C THR A 143 -18.89 -5.37 -11.48
N LYS A 144 -20.13 -4.97 -11.64
CA LYS A 144 -20.92 -4.49 -10.52
C LYS A 144 -20.99 -5.56 -9.40
N HIS A 145 -21.27 -6.80 -9.77
CA HIS A 145 -21.33 -7.88 -8.76
C HIS A 145 -20.01 -8.03 -8.04
N LYS A 146 -18.92 -8.00 -8.79
CA LYS A 146 -17.61 -8.14 -8.14
C LYS A 146 -17.30 -6.96 -7.22
N TRP A 147 -17.65 -5.77 -7.65
CA TRP A 147 -17.38 -4.58 -6.86
C TRP A 147 -18.30 -4.45 -5.64
N GLU A 148 -19.50 -5.04 -5.73
CA GLU A 148 -20.40 -5.06 -4.60
C GLU A 148 -19.89 -6.01 -3.55
N ALA A 149 -19.37 -7.16 -4.00
CA ALA A 149 -18.85 -8.19 -3.07
C ALA A 149 -17.59 -7.69 -2.30
N ALA A 150 -16.83 -6.81 -2.93
CA ALA A 150 -15.59 -6.25 -2.38
C ALA A 150 -15.79 -4.88 -1.68
N HIS A 151 -17.03 -4.42 -1.63
CA HIS A 151 -17.37 -3.11 -1.01
C HIS A 151 -16.55 -1.96 -1.57
N VAL A 152 -16.39 -1.94 -2.87
CA VAL A 152 -15.71 -0.86 -3.54
C VAL A 152 -16.36 0.50 -3.27
N ALA A 153 -17.70 0.56 -3.30
CA ALA A 153 -18.44 1.82 -3.06
C ALA A 153 -18.11 2.38 -1.67
N GLU A 154 -18.06 1.51 -0.67
CA GLU A 154 -17.73 1.95 0.69
C GLU A 154 -16.33 2.55 0.72
N GLN A 155 -15.40 1.89 0.06
CA GLN A 155 -14.01 2.41 -0.01
C GLN A 155 -13.98 3.78 -0.71
N LEU A 156 -14.63 3.87 -1.87
CA LEU A 156 -14.67 5.13 -2.61
C LEU A 156 -15.37 6.25 -1.84
N ARG A 157 -16.39 5.91 -1.08
CA ARG A 157 -17.08 6.92 -0.29
C ARG A 157 -16.15 7.52 0.79
N ALA A 158 -15.34 6.67 1.41
CA ALA A 158 -14.41 7.12 2.45
C ALA A 158 -13.38 8.07 1.79
N TYR A 159 -12.95 7.72 0.58
CA TYR A 159 -12.03 8.59 -0.13
C TYR A 159 -12.72 9.93 -0.58
N LEU A 160 -13.88 9.81 -1.24
CA LEU A 160 -14.54 10.98 -1.87
C LEU A 160 -15.07 11.98 -0.90
N GLU A 161 -15.57 11.51 0.22
CA GLU A 161 -16.15 12.38 1.18
C GLU A 161 -15.14 12.84 2.22
N GLY A 162 -14.13 12.00 2.48
CA GLY A 162 -13.12 12.33 3.46
C GLY A 162 -11.86 12.87 2.80
N THR A 163 -10.96 11.95 2.43
CA THR A 163 -9.68 12.30 1.85
C THR A 163 -9.72 13.38 0.76
N CYS A 164 -10.57 13.20 -0.23
CA CYS A 164 -10.68 14.12 -1.36
C CYS A 164 -10.97 15.54 -0.91
N VAL A 165 -11.95 15.69 -0.05
CA VAL A 165 -12.34 16.98 0.44
C VAL A 165 -11.25 17.62 1.36
N GLU A 166 -10.63 16.81 2.21
CA GLU A 166 -9.60 17.30 3.13
C GLU A 166 -8.43 17.82 2.32
N TRP A 167 -8.04 17.09 1.28
CA TRP A 167 -6.93 17.54 0.44
C TRP A 167 -7.30 18.72 -0.46
N LEU A 168 -8.54 18.74 -0.96
CA LEU A 168 -9.01 19.91 -1.75
C LEU A 168 -8.88 21.17 -0.92
N ARG A 169 -9.30 21.12 0.35
CA ARG A 169 -9.20 22.29 1.26
C ARG A 169 -7.74 22.71 1.48
N ARG A 170 -6.86 21.74 1.69
CA ARG A 170 -5.45 22.00 1.86
C ARG A 170 -4.91 22.73 0.64
N TYR A 171 -5.23 22.22 -0.56
CA TYR A 171 -4.76 22.83 -1.80
C TYR A 171 -5.29 24.23 -1.97
N LEU A 172 -6.58 24.41 -1.68
CA LEU A 172 -7.18 25.74 -1.75
C LEU A 172 -6.42 26.75 -0.88
N GLU A 173 -6.00 26.32 0.31
CA GLU A 173 -5.30 27.22 1.21
C GLU A 173 -3.87 27.46 0.74
N ASN A 174 -3.13 26.38 0.42
CA ASN A 174 -1.74 26.52 -0.04
C ASN A 174 -1.64 27.34 -1.32
N GLY A 175 -2.58 27.16 -2.23
CA GLY A 175 -2.55 27.92 -3.49
C GLY A 175 -3.58 29.02 -3.57
N LYS A 176 -3.87 29.66 -2.45
CA LYS A 176 -4.89 30.69 -2.42
C LYS A 176 -4.67 31.80 -3.42
N GLU A 177 -3.42 32.20 -3.62
CA GLU A 177 -3.10 33.26 -4.56
C GLU A 177 -3.54 32.87 -5.97
N THR A 178 -3.49 31.58 -6.28
CA THR A 178 -3.87 31.02 -7.59
C THR A 178 -5.36 30.70 -7.66
N LEU A 179 -5.72 29.67 -6.89
CA LEU A 179 -7.05 29.07 -6.89
C LEU A 179 -8.20 29.90 -6.35
N GLN A 180 -7.94 30.79 -5.39
CA GLN A 180 -9.05 31.58 -4.85
C GLN A 180 -9.15 32.92 -5.55
N ARG A 181 -8.32 33.14 -6.56
CA ARG A 181 -8.32 34.37 -7.32
C ARG A 181 -9.46 34.34 -8.33
N THR A 182 -10.02 35.49 -8.61
CA THR A 182 -11.05 35.57 -9.59
C THR A 182 -10.59 36.64 -10.58
N ASP A 183 -10.41 36.27 -11.85
CA ASP A 183 -10.01 37.23 -12.89
C ASP A 183 -11.27 37.60 -13.67
N ALA A 184 -11.74 38.82 -13.47
CA ALA A 184 -12.92 39.31 -14.18
C ALA A 184 -12.63 39.40 -15.68
N PRO A 185 -13.61 39.05 -16.49
CA PRO A 185 -13.38 39.12 -17.93
C PRO A 185 -13.18 40.54 -18.45
N LYS A 186 -12.24 40.69 -19.37
CA LYS A 186 -12.05 41.95 -20.05
C LYS A 186 -12.98 41.84 -21.24
N THR A 187 -13.87 42.81 -21.39
CA THR A 187 -14.87 42.74 -22.43
C THR A 187 -14.85 43.88 -23.41
N HIS A 188 -15.35 43.61 -24.61
CA HIS A 188 -15.51 44.62 -25.65
C HIS A 188 -16.37 44.02 -26.77
N MET A 189 -17.06 44.90 -27.51
CA MET A 189 -17.96 44.47 -28.57
C MET A 189 -17.36 44.79 -29.93
N THR A 190 -17.60 43.92 -30.91
CA THR A 190 -17.05 44.08 -32.25
C THR A 190 -18.18 44.27 -33.27
N HIS A 191 -17.86 44.89 -34.42
CA HIS A 191 -18.85 45.19 -35.48
C HIS A 191 -18.56 44.66 -36.91
N HIS A 192 -19.53 43.92 -37.47
CA HIS A 192 -19.43 43.38 -38.83
C HIS A 192 -20.78 43.42 -39.58
N ALA A 193 -20.85 44.21 -40.64
CA ALA A 193 -22.08 44.32 -41.42
C ALA A 193 -22.10 43.29 -42.53
N VAL A 194 -23.10 43.38 -43.40
CA VAL A 194 -23.20 42.48 -44.54
C VAL A 194 -23.54 43.32 -45.78
N SER A 195 -22.84 44.46 -45.89
CA SER A 195 -22.98 45.38 -47.02
C SER A 195 -24.35 46.11 -47.05
N ASP A 196 -25.42 45.35 -46.79
CA ASP A 196 -26.75 45.91 -46.72
C ASP A 196 -27.44 45.33 -45.49
N HIS A 197 -28.69 45.74 -45.27
CA HIS A 197 -29.51 45.23 -44.17
C HIS A 197 -28.74 44.84 -42.88
N GLU A 198 -29.25 43.82 -42.21
CA GLU A 198 -28.71 43.30 -40.93
C GLU A 198 -27.17 43.24 -40.78
N ALA A 199 -26.74 43.32 -39.52
CA ALA A 199 -25.32 43.26 -39.17
C ALA A 199 -25.11 42.23 -38.08
N THR A 200 -23.84 42.02 -37.72
CA THR A 200 -23.51 41.11 -36.62
C THR A 200 -22.65 41.77 -35.57
N LEU A 201 -23.13 41.73 -34.34
CA LEU A 201 -22.43 42.26 -33.19
C LEU A 201 -21.86 41.11 -32.40
N ARG A 202 -20.57 41.19 -32.08
CA ARG A 202 -19.93 40.13 -31.30
C ARG A 202 -19.35 40.64 -29.98
N CYS A 203 -19.97 40.16 -28.90
CA CYS A 203 -19.62 40.50 -27.55
C CYS A 203 -18.50 39.56 -27.10
N TRP A 204 -17.36 40.14 -26.71
CA TRP A 204 -16.20 39.36 -26.28
C TRP A 204 -15.97 39.37 -24.75
N ALA A 205 -15.33 38.30 -24.28
CA ALA A 205 -14.96 38.09 -22.86
C ALA A 205 -13.58 37.41 -22.85
N LEU A 206 -12.56 38.10 -22.36
CA LEU A 206 -11.20 37.56 -22.37
C LEU A 206 -10.48 37.60 -21.01
N SER A 207 -9.46 36.75 -20.87
CA SER A 207 -8.63 36.70 -19.67
C SER A 207 -9.40 36.47 -18.39
N PHE A 208 -10.40 35.61 -18.42
CA PHE A 208 -11.18 35.38 -17.23
C PHE A 208 -10.88 33.99 -16.60
N TYR A 209 -11.13 33.91 -15.30
CA TYR A 209 -10.99 32.68 -14.53
C TYR A 209 -11.89 32.84 -13.30
N PRO A 210 -12.69 31.81 -12.96
CA PRO A 210 -12.79 30.49 -13.58
C PRO A 210 -13.44 30.48 -14.95
N ALA A 211 -13.61 29.30 -15.52
CA ALA A 211 -14.15 29.15 -16.88
C ALA A 211 -15.64 29.45 -17.01
N GLU A 212 -16.40 29.16 -15.97
CA GLU A 212 -17.83 29.38 -15.97
C GLU A 212 -18.20 30.85 -16.21
N ILE A 213 -18.97 31.08 -17.26
CA ILE A 213 -19.41 32.43 -17.62
C ILE A 213 -20.75 32.36 -18.34
N THR A 214 -21.45 33.48 -18.42
CA THR A 214 -22.72 33.52 -19.15
C THR A 214 -22.79 34.80 -19.95
N LEU A 215 -22.78 34.62 -21.27
CA LEU A 215 -22.93 35.70 -22.22
C LEU A 215 -24.32 35.62 -22.81
N THR A 216 -25.18 36.58 -22.44
CA THR A 216 -26.58 36.61 -22.92
C THR A 216 -26.93 37.89 -23.68
N TRP A 217 -27.74 37.75 -24.72
CA TRP A 217 -28.23 38.89 -25.49
C TRP A 217 -29.71 39.09 -25.21
N GLN A 218 -30.08 40.33 -24.89
CA GLN A 218 -31.47 40.69 -24.67
C GLN A 218 -31.87 41.66 -25.74
N ARG A 219 -33.14 41.64 -26.10
CA ARG A 219 -33.66 42.63 -27.02
C ARG A 219 -34.56 43.47 -26.14
N ASP A 220 -34.54 44.79 -26.34
CA ASP A 220 -35.34 45.69 -25.49
C ASP A 220 -35.10 45.41 -24.00
N GLY A 221 -35.22 44.14 -23.58
CA GLY A 221 -34.97 43.76 -22.18
C GLY A 221 -35.68 42.52 -21.68
N GLU A 222 -35.68 42.35 -20.35
CA GLU A 222 -36.34 41.24 -19.66
C GLU A 222 -36.04 39.86 -20.30
N ASP A 223 -36.76 39.54 -21.37
CA ASP A 223 -36.62 38.24 -22.04
C ASP A 223 -35.38 38.15 -22.96
N GLN A 224 -34.57 37.12 -22.75
CA GLN A 224 -33.41 36.87 -23.60
C GLN A 224 -34.00 36.48 -24.94
N THR A 225 -33.98 37.37 -25.93
CA THR A 225 -34.62 37.04 -27.21
C THR A 225 -33.75 37.27 -28.44
N GLN A 226 -32.75 36.42 -28.64
CA GLN A 226 -31.91 36.51 -29.84
C GLN A 226 -31.00 35.29 -30.02
N ASP A 227 -31.24 34.53 -31.10
CA ASP A 227 -30.48 33.33 -31.43
C ASP A 227 -29.04 33.71 -31.73
N THR A 228 -28.18 33.60 -30.72
CA THR A 228 -26.79 34.00 -30.86
C THR A 228 -25.87 32.84 -31.21
N GLU A 229 -24.80 33.14 -31.94
CA GLU A 229 -23.79 32.14 -32.22
C GLU A 229 -22.72 32.31 -31.15
N LEU A 230 -22.65 31.36 -30.22
CA LEU A 230 -21.65 31.41 -29.17
C LEU A 230 -20.71 30.23 -29.32
N VAL A 231 -19.42 30.51 -29.22
CA VAL A 231 -18.41 29.46 -29.31
C VAL A 231 -18.21 28.86 -27.93
N GLU A 232 -17.59 27.67 -27.91
CA GLU A 232 -17.30 26.97 -26.69
C GLU A 232 -16.28 27.78 -25.93
N THR A 233 -16.45 27.86 -24.62
CA THR A 233 -15.47 28.54 -23.80
C THR A 233 -14.13 27.85 -24.12
N ARG A 234 -13.07 28.63 -24.26
CA ARG A 234 -11.79 28.06 -24.68
C ARG A 234 -10.62 28.61 -23.88
N PRO A 235 -9.53 27.82 -23.77
CA PRO A 235 -8.36 28.26 -23.01
C PRO A 235 -7.41 29.15 -23.80
N ALA A 236 -6.86 30.15 -23.12
CA ALA A 236 -5.90 31.06 -23.71
C ALA A 236 -4.50 30.43 -23.71
N GLY A 237 -4.27 29.56 -22.74
CA GLY A 237 -2.99 28.90 -22.58
C GLY A 237 -2.18 29.45 -21.41
N ASP A 238 -2.64 30.57 -20.86
CA ASP A 238 -1.97 31.23 -19.74
C ASP A 238 -2.71 31.03 -18.42
N GLY A 239 -3.66 30.11 -18.41
CA GLY A 239 -4.44 29.85 -17.22
C GLY A 239 -5.79 30.55 -17.22
N THR A 240 -6.06 31.36 -18.25
CA THR A 240 -7.33 32.08 -18.34
C THR A 240 -8.14 31.57 -19.51
N PHE A 241 -9.38 32.03 -19.62
CA PHE A 241 -10.26 31.56 -20.67
C PHE A 241 -10.87 32.68 -21.54
N GLN A 242 -11.50 32.29 -22.65
CA GLN A 242 -12.06 33.22 -23.61
C GLN A 242 -13.39 32.74 -24.12
N LYS A 243 -14.25 33.66 -24.51
CA LYS A 243 -15.55 33.31 -25.08
C LYS A 243 -16.20 34.51 -25.75
N TRP A 244 -17.06 34.22 -26.74
CA TRP A 244 -17.89 35.26 -27.37
C TRP A 244 -19.29 34.76 -27.71
N ALA A 245 -20.18 35.74 -28.00
CA ALA A 245 -21.56 35.50 -28.36
C ALA A 245 -21.93 36.56 -29.35
N ALA A 246 -22.47 36.15 -30.51
CA ALA A 246 -22.83 37.09 -31.58
C ALA A 246 -24.27 36.96 -32.03
N VAL A 247 -24.91 38.10 -32.29
CA VAL A 247 -26.29 38.13 -32.78
C VAL A 247 -26.37 38.85 -34.11
N VAL A 248 -27.35 38.47 -34.93
CA VAL A 248 -27.59 39.09 -36.23
C VAL A 248 -28.74 40.09 -36.09
N VAL A 249 -28.43 41.37 -36.20
CA VAL A 249 -29.40 42.44 -36.01
C VAL A 249 -29.57 43.25 -37.28
N PRO A 250 -30.77 43.85 -37.48
CA PRO A 250 -30.96 44.68 -38.66
C PRO A 250 -30.13 45.96 -38.57
N SER A 251 -29.57 46.43 -39.68
CA SER A 251 -28.81 47.66 -39.67
C SER A 251 -29.67 48.68 -38.93
N GLY A 252 -29.06 49.50 -38.09
CA GLY A 252 -29.84 50.43 -37.27
C GLY A 252 -30.53 49.54 -36.24
N GLN A 253 -31.29 50.13 -35.33
CA GLN A 253 -31.97 49.31 -34.31
C GLN A 253 -30.96 48.41 -33.53
N GLU A 254 -29.70 48.80 -33.54
CA GLU A 254 -28.65 48.06 -32.88
C GLU A 254 -28.67 48.33 -31.38
N GLN A 255 -29.13 49.53 -31.01
CA GLN A 255 -29.23 49.94 -29.61
C GLN A 255 -30.28 49.12 -28.83
N ARG A 256 -31.15 48.40 -29.54
CA ARG A 256 -32.15 47.57 -28.87
C ARG A 256 -31.51 46.31 -28.28
N TYR A 257 -30.23 46.09 -28.57
CA TYR A 257 -29.53 44.89 -28.08
C TYR A 257 -28.43 45.21 -27.08
N THR A 258 -28.45 44.48 -25.98
CA THR A 258 -27.47 44.65 -24.92
C THR A 258 -26.89 43.30 -24.55
N CYS A 259 -25.57 43.23 -24.50
CA CYS A 259 -24.89 42.00 -24.13
C CYS A 259 -24.72 41.91 -22.63
N HIS A 260 -25.21 40.83 -22.04
CA HIS A 260 -25.11 40.64 -20.60
C HIS A 260 -24.03 39.62 -20.24
N VAL A 261 -22.97 40.12 -19.62
CA VAL A 261 -21.86 39.29 -19.21
C VAL A 261 -21.96 38.99 -17.71
N GLN A 262 -22.02 37.71 -17.38
CA GLN A 262 -22.15 37.27 -16.00
C GLN A 262 -20.98 36.36 -15.68
N HIS A 263 -20.30 36.64 -14.57
CA HIS A 263 -19.12 35.89 -14.17
C HIS A 263 -18.87 36.12 -12.69
N GLU A 264 -18.27 35.14 -12.03
CA GLU A 264 -18.02 35.23 -10.59
C GLU A 264 -17.18 36.45 -10.22
N GLY A 265 -16.27 36.83 -11.10
CA GLY A 265 -15.39 37.96 -10.85
C GLY A 265 -16.06 39.32 -11.00
N LEU A 266 -17.37 39.32 -11.22
CA LEU A 266 -18.11 40.56 -11.39
C LEU A 266 -19.06 40.77 -10.22
N PRO A 267 -18.90 41.89 -9.50
CA PRO A 267 -19.81 42.18 -8.40
C PRO A 267 -21.24 42.31 -8.90
N LYS A 268 -21.40 42.93 -10.07
CA LYS A 268 -22.71 43.07 -10.69
C LYS A 268 -22.60 42.73 -12.18
N PRO A 269 -23.63 42.06 -12.75
CA PRO A 269 -23.60 41.75 -14.17
C PRO A 269 -23.26 42.98 -15.00
N LEU A 270 -22.54 42.77 -16.09
CA LEU A 270 -22.06 43.84 -16.95
C LEU A 270 -22.94 43.95 -18.21
N THR A 271 -23.02 45.16 -18.78
CA THR A 271 -23.83 45.39 -19.99
C THR A 271 -23.06 46.23 -21.03
N LEU A 272 -22.94 45.70 -22.26
CA LEU A 272 -22.22 46.42 -23.33
C LEU A 272 -23.16 46.81 -24.47
N ARG A 273 -22.79 47.89 -25.16
CA ARG A 273 -23.57 48.41 -26.30
C ARG A 273 -22.61 48.93 -27.36
N TRP A 274 -22.94 48.70 -28.62
CA TRP A 274 -22.08 49.15 -29.71
C TRP A 274 -21.91 50.68 -29.75
N GLU A 275 -20.66 51.11 -29.63
CA GLU A 275 -20.30 52.53 -29.70
C GLU A 275 -19.25 52.66 -30.80
N PRO A 276 -19.53 53.50 -31.81
CA PRO A 276 -18.56 53.65 -32.91
C PRO A 276 -17.22 54.24 -32.45
N MET B 1 -18.77 0.81 -28.97
CA MET B 1 -17.79 1.79 -29.49
C MET B 1 -18.54 3.06 -29.96
N ILE B 2 -18.02 4.23 -29.60
CA ILE B 2 -18.45 5.47 -30.17
C ILE B 2 -17.26 6.26 -30.64
N GLN B 3 -17.32 6.78 -31.86
CA GLN B 3 -16.31 7.70 -32.35
C GLN B 3 -17.00 9.05 -32.50
N ARG B 4 -16.27 10.11 -32.14
CA ARG B 4 -16.76 11.47 -32.18
C ARG B 4 -15.81 12.39 -32.93
N THR B 5 -16.38 13.20 -33.81
CA THR B 5 -15.67 14.15 -34.63
C THR B 5 -15.25 15.36 -33.81
N PRO B 6 -13.97 15.78 -33.95
CA PRO B 6 -13.50 16.93 -33.22
C PRO B 6 -14.08 18.26 -33.65
N LYS B 7 -14.28 19.14 -32.68
CA LYS B 7 -14.60 20.53 -32.94
C LYS B 7 -13.22 21.18 -32.94
N ILE B 8 -13.06 22.22 -33.74
CA ILE B 8 -11.79 22.88 -33.86
C ILE B 8 -11.93 24.40 -33.79
N GLN B 9 -11.12 25.05 -32.94
CA GLN B 9 -11.04 26.52 -32.91
C GLN B 9 -9.57 26.94 -33.04
N VAL B 10 -9.32 27.99 -33.82
CA VAL B 10 -7.97 28.49 -34.03
C VAL B 10 -7.99 29.96 -33.64
N TYR B 11 -7.13 30.35 -32.71
CA TYR B 11 -7.15 31.74 -32.22
C TYR B 11 -5.81 32.11 -31.61
N SER B 12 -5.67 33.38 -31.23
CA SER B 12 -4.45 33.87 -30.59
C SER B 12 -4.67 34.01 -29.06
N ARG B 13 -3.59 33.92 -28.29
CA ARG B 13 -3.73 34.07 -26.84
C ARG B 13 -4.17 35.49 -26.53
N HIS B 14 -3.54 36.47 -27.17
CA HIS B 14 -3.88 37.87 -26.95
C HIS B 14 -4.42 38.46 -28.24
N PRO B 15 -5.10 39.62 -28.15
CA PRO B 15 -5.60 40.33 -29.33
C PRO B 15 -4.44 40.62 -30.30
N ALA B 16 -4.58 40.20 -31.55
CA ALA B 16 -3.50 40.36 -32.53
C ALA B 16 -3.15 41.81 -32.82
N GLU B 17 -1.85 42.04 -32.91
CA GLU B 17 -1.29 43.33 -33.27
C GLU B 17 -0.09 42.98 -34.14
N ASN B 18 -0.02 43.55 -35.34
CA ASN B 18 1.07 43.24 -36.26
C ASN B 18 2.44 43.56 -35.69
N GLY B 19 3.31 42.56 -35.68
CA GLY B 19 4.67 42.75 -35.19
C GLY B 19 4.86 42.56 -33.69
N LYS B 20 3.83 42.06 -33.00
CA LYS B 20 3.94 41.83 -31.55
C LYS B 20 3.82 40.36 -31.17
N SER B 21 4.82 39.86 -30.44
CA SER B 21 4.88 38.49 -29.96
C SER B 21 3.53 38.03 -29.40
N ASN B 22 3.17 36.79 -29.69
CA ASN B 22 1.86 36.28 -29.29
C ASN B 22 1.89 34.76 -29.35
N PHE B 23 0.75 34.11 -29.12
CA PHE B 23 0.67 32.65 -29.23
C PHE B 23 -0.48 32.26 -30.11
N LEU B 24 -0.23 31.29 -30.98
CA LEU B 24 -1.26 30.77 -31.87
C LEU B 24 -1.81 29.47 -31.26
N ASN B 25 -3.14 29.44 -31.08
CA ASN B 25 -3.82 28.30 -30.48
C ASN B 25 -4.70 27.54 -31.43
N CYS B 26 -4.67 26.20 -31.30
CA CYS B 26 -5.60 25.35 -32.02
C CYS B 26 -6.22 24.42 -30.97
N TYR B 27 -7.46 24.70 -30.61
CA TYR B 27 -8.16 23.94 -29.61
C TYR B 27 -9.08 22.94 -30.26
N VAL B 28 -8.81 21.66 -30.01
CA VAL B 28 -9.61 20.58 -30.51
C VAL B 28 -10.28 19.89 -29.37
N SER B 29 -11.59 19.71 -29.49
CA SER B 29 -12.37 19.12 -28.42
C SER B 29 -13.49 18.25 -28.94
N GLY B 30 -14.08 17.50 -28.03
CA GLY B 30 -15.23 16.66 -28.34
C GLY B 30 -14.97 15.43 -29.18
N PHE B 31 -13.73 14.97 -29.24
CA PHE B 31 -13.41 13.83 -30.12
C PHE B 31 -13.13 12.51 -29.37
N HIS B 32 -13.18 11.41 -30.11
CA HIS B 32 -12.90 10.09 -29.55
C HIS B 32 -12.77 9.21 -30.79
N PRO B 33 -11.76 8.33 -30.84
CA PRO B 33 -10.77 8.08 -29.80
C PRO B 33 -9.76 9.21 -29.67
N SER B 34 -8.75 9.02 -28.82
CA SER B 34 -7.81 10.13 -28.48
C SER B 34 -6.73 10.43 -29.53
N ASP B 35 -6.38 9.44 -30.34
CA ASP B 35 -5.37 9.64 -31.40
C ASP B 35 -5.84 10.73 -32.36
N ILE B 36 -5.02 11.74 -32.55
CA ILE B 36 -5.40 12.83 -33.40
C ILE B 36 -4.15 13.52 -33.94
N GLU B 37 -4.21 14.02 -35.15
CA GLU B 37 -3.08 14.73 -35.74
C GLU B 37 -3.42 16.17 -35.90
N VAL B 38 -2.61 17.02 -35.31
CA VAL B 38 -2.84 18.46 -35.37
C VAL B 38 -1.56 19.19 -35.77
N ASP B 39 -1.66 20.03 -36.78
CA ASP B 39 -0.52 20.83 -37.19
C ASP B 39 -0.95 22.29 -37.34
N LEU B 40 -0.08 23.20 -36.94
CA LEU B 40 -0.31 24.60 -37.17
C LEU B 40 0.46 24.94 -38.44
N LEU B 41 -0.16 25.70 -39.34
CA LEU B 41 0.46 26.03 -40.62
C LEU B 41 0.70 27.50 -40.78
N LYS B 42 1.85 27.85 -41.34
CA LYS B 42 2.19 29.22 -41.67
C LYS B 42 2.33 29.28 -43.19
N ASN B 43 1.43 29.99 -43.85
CA ASN B 43 1.44 30.07 -45.30
C ASN B 43 1.48 28.68 -45.91
N GLY B 44 0.64 27.80 -45.39
CA GLY B 44 0.55 26.43 -45.90
C GLY B 44 1.65 25.49 -45.47
N GLU B 45 2.62 25.94 -44.67
CA GLU B 45 3.69 25.05 -44.24
C GLU B 45 3.59 24.71 -42.74
N ARG B 46 3.91 23.46 -42.43
CA ARG B 46 3.83 22.97 -41.06
C ARG B 46 4.80 23.77 -40.20
N ILE B 47 4.30 24.24 -39.05
CA ILE B 47 5.14 24.95 -38.12
C ILE B 47 5.73 23.90 -37.21
N GLU B 48 7.04 23.77 -37.24
CA GLU B 48 7.70 22.79 -36.42
C GLU B 48 7.67 23.36 -35.02
N LYS B 49 8.12 22.59 -34.03
CA LYS B 49 8.13 23.10 -32.66
C LYS B 49 6.76 23.66 -32.25
N VAL B 50 5.82 22.76 -32.04
CA VAL B 50 4.49 23.11 -31.58
C VAL B 50 4.26 22.26 -30.37
N GLU B 51 3.74 22.85 -29.31
CA GLU B 51 3.49 22.08 -28.09
C GLU B 51 1.99 21.87 -27.89
N HIS B 52 1.65 20.97 -26.97
CA HIS B 52 0.25 20.73 -26.66
C HIS B 52 0.06 20.36 -25.16
N SER B 53 -1.17 20.56 -24.70
CA SER B 53 -1.54 20.28 -23.31
C SER B 53 -1.64 18.77 -23.04
N ASP B 54 -1.76 18.40 -21.75
CA ASP B 54 -1.90 17.00 -21.34
C ASP B 54 -3.31 16.52 -21.65
N LEU B 55 -3.43 15.35 -22.27
CA LEU B 55 -4.72 14.82 -22.65
C LEU B 55 -5.70 14.76 -21.47
N SER B 56 -6.88 15.29 -21.69
CA SER B 56 -7.92 15.24 -20.68
C SER B 56 -9.23 15.07 -21.40
N PHE B 57 -10.31 14.98 -20.63
CA PHE B 57 -11.61 14.73 -21.23
C PHE B 57 -12.77 15.31 -20.41
N SER B 58 -13.91 15.43 -21.08
CA SER B 58 -15.12 16.03 -20.54
C SER B 58 -16.06 15.01 -19.96
N LYS B 59 -17.18 15.51 -19.49
CA LYS B 59 -18.20 14.73 -18.84
C LYS B 59 -18.73 13.59 -19.70
N ASP B 60 -18.78 13.80 -21.02
CA ASP B 60 -19.28 12.77 -21.94
C ASP B 60 -18.16 11.88 -22.45
N TRP B 61 -17.00 11.94 -21.77
CA TRP B 61 -15.82 11.17 -22.08
C TRP B 61 -15.00 11.64 -23.30
N SER B 62 -15.50 12.65 -24.04
CA SER B 62 -14.80 13.14 -25.25
C SER B 62 -13.53 13.91 -24.84
N PHE B 63 -12.49 13.80 -25.67
CA PHE B 63 -11.20 14.40 -25.36
C PHE B 63 -11.05 15.84 -25.82
N TYR B 64 -10.10 16.54 -25.19
CA TYR B 64 -9.76 17.91 -25.61
C TYR B 64 -8.25 18.15 -25.38
N LEU B 65 -7.67 18.93 -26.29
CA LEU B 65 -6.27 19.24 -26.29
C LEU B 65 -6.08 20.64 -26.84
N LEU B 66 -5.08 21.35 -26.31
CA LEU B 66 -4.71 22.65 -26.82
C LEU B 66 -3.33 22.53 -27.42
N TYR B 67 -3.20 22.83 -28.72
CA TYR B 67 -1.89 22.90 -29.39
C TYR B 67 -1.53 24.36 -29.55
N TYR B 68 -0.26 24.70 -29.38
CA TYR B 68 0.14 26.09 -29.41
C TYR B 68 1.62 26.30 -29.73
N THR B 69 1.91 27.49 -30.23
CA THR B 69 3.25 27.85 -30.60
C THR B 69 3.36 29.36 -30.52
N GLU B 70 4.52 29.86 -30.18
CA GLU B 70 4.66 31.31 -30.14
C GLU B 70 4.83 31.79 -31.57
N PHE B 71 4.30 32.97 -31.88
CA PHE B 71 4.43 33.53 -33.22
C PHE B 71 4.22 35.04 -33.20
N THR B 72 4.56 35.67 -34.31
CA THR B 72 4.42 37.09 -34.46
C THR B 72 3.63 37.35 -35.73
N PRO B 73 2.34 37.71 -35.58
CA PRO B 73 1.51 37.95 -36.75
C PRO B 73 1.94 39.18 -37.54
N THR B 74 1.59 39.17 -38.82
CA THR B 74 1.88 40.26 -39.72
C THR B 74 0.64 40.51 -40.55
N GLU B 75 0.69 41.50 -41.42
CA GLU B 75 -0.47 41.81 -42.23
C GLU B 75 -0.77 40.73 -43.26
N LYS B 76 0.28 40.21 -43.90
CA LYS B 76 0.13 39.24 -44.99
C LYS B 76 0.15 37.75 -44.63
N ASP B 77 0.96 37.35 -43.66
CA ASP B 77 1.08 35.92 -43.29
C ASP B 77 -0.25 35.27 -42.91
N GLU B 78 -0.56 34.13 -43.54
CA GLU B 78 -1.81 33.42 -43.28
C GLU B 78 -1.56 32.22 -42.36
N TYR B 79 -2.33 32.12 -41.28
CA TYR B 79 -2.16 31.00 -40.34
C TYR B 79 -3.36 30.06 -40.33
N ALA B 80 -3.11 28.78 -40.02
CA ALA B 80 -4.18 27.79 -40.02
C ALA B 80 -3.90 26.59 -39.12
N CYS B 81 -4.96 25.84 -38.83
CA CYS B 81 -4.85 24.60 -38.07
C CYS B 81 -5.36 23.46 -38.95
N ARG B 82 -4.51 22.44 -39.13
CA ARG B 82 -4.86 21.26 -39.92
C ARG B 82 -5.05 20.09 -38.98
N VAL B 83 -6.19 19.42 -39.08
CA VAL B 83 -6.54 18.31 -38.16
C VAL B 83 -6.99 17.06 -38.91
N ASN B 84 -6.52 15.89 -38.47
CA ASN B 84 -7.00 14.65 -39.05
C ASN B 84 -7.36 13.72 -37.91
N HIS B 85 -8.38 12.92 -38.14
CA HIS B 85 -8.92 12.02 -37.14
C HIS B 85 -9.66 10.95 -37.88
N VAL B 86 -9.80 9.77 -37.27
CA VAL B 86 -10.43 8.65 -37.95
C VAL B 86 -11.89 9.00 -38.36
N THR B 87 -12.50 9.98 -37.71
CA THR B 87 -13.87 10.36 -38.06
C THR B 87 -13.94 11.25 -39.31
N LEU B 88 -12.80 11.78 -39.75
CA LEU B 88 -12.76 12.69 -40.91
C LEU B 88 -12.35 11.94 -42.14
N SER B 89 -12.99 12.21 -43.27
CA SER B 89 -12.69 11.52 -44.48
C SER B 89 -11.36 11.98 -45.09
N GLN B 90 -10.93 13.18 -44.70
CA GLN B 90 -9.67 13.77 -45.14
C GLN B 90 -9.27 14.83 -44.10
N PRO B 91 -7.99 15.23 -44.08
CA PRO B 91 -7.60 16.26 -43.08
C PRO B 91 -8.46 17.51 -43.20
N LYS B 92 -8.77 18.15 -42.08
CA LYS B 92 -9.57 19.36 -42.10
C LYS B 92 -8.72 20.60 -41.75
N ILE B 93 -8.84 21.64 -42.58
CA ILE B 93 -8.09 22.86 -42.40
C ILE B 93 -8.98 24.04 -41.97
N VAL B 94 -8.62 24.66 -40.84
CA VAL B 94 -9.35 25.83 -40.34
C VAL B 94 -8.36 26.99 -40.32
N LYS B 95 -8.72 28.06 -41.03
CA LYS B 95 -7.88 29.26 -41.13
C LYS B 95 -8.04 30.16 -39.91
N TRP B 96 -6.99 30.87 -39.55
CA TRP B 96 -7.05 31.79 -38.42
C TRP B 96 -7.68 33.13 -38.81
N ASP B 97 -8.77 33.48 -38.13
CA ASP B 97 -9.41 34.76 -38.32
C ASP B 97 -9.16 35.64 -37.10
N ARG B 98 -8.51 36.78 -37.31
CA ARG B 98 -8.21 37.74 -36.22
C ARG B 98 -9.35 38.02 -35.24
N ASP B 99 -10.57 38.12 -35.75
CA ASP B 99 -11.71 38.49 -34.91
C ASP B 99 -12.68 37.34 -34.63
N MET B 100 -12.11 36.14 -34.46
CA MET B 100 -12.89 34.98 -34.08
C MET B 100 -12.09 34.11 -33.09
N GLU C 1 -4.59 14.83 -4.08
CA GLU C 1 -4.37 13.46 -3.49
C GLU C 1 -5.26 12.40 -4.19
N ALA C 2 -4.64 11.53 -4.99
CA ALA C 2 -5.38 10.48 -5.68
C ALA C 2 -5.90 9.39 -4.74
N ALA C 3 -6.89 8.62 -5.22
CA ALA C 3 -7.48 7.50 -4.44
C ALA C 3 -6.44 6.41 -4.18
N GLY C 4 -6.42 5.89 -2.95
CA GLY C 4 -5.50 4.86 -2.55
C GLY C 4 -6.25 3.62 -2.09
N ILE C 5 -7.57 3.69 -2.17
CA ILE C 5 -8.44 2.57 -1.94
C ILE C 5 -9.61 2.66 -3.00
N GLY C 6 -10.37 1.59 -3.15
CA GLY C 6 -11.49 1.55 -4.05
C GLY C 6 -11.23 1.45 -5.54
N ILE C 7 -9.98 1.18 -5.92
CA ILE C 7 -9.60 1.09 -7.31
C ILE C 7 -9.29 -0.37 -7.62
N LEU C 8 -10.28 -1.09 -8.14
CA LEU C 8 -10.11 -2.50 -8.45
C LEU C 8 -10.29 -2.76 -9.94
N THR C 9 -9.86 -3.95 -10.43
CA THR C 9 -10.05 -4.31 -11.83
C THR C 9 -11.50 -4.65 -12.07
N VAL C 10 -11.94 -4.48 -13.31
CA VAL C 10 -13.32 -4.70 -13.65
C VAL C 10 -13.65 -6.20 -13.77
N LYS D 1 10.89 4.20 14.13
CA LYS D 1 10.54 4.59 12.77
C LYS D 1 9.52 5.76 12.80
N GLN D 2 10.01 6.94 12.47
CA GLN D 2 9.28 8.19 12.50
C GLN D 2 7.94 8.16 11.72
N GLU D 3 7.87 7.52 10.57
CA GLU D 3 6.59 7.48 9.84
C GLU D 3 5.43 6.83 10.61
N VAL D 4 5.72 5.75 11.30
CA VAL D 4 4.75 5.02 12.09
C VAL D 4 5.42 4.74 13.46
N GLU D 5 4.82 5.29 14.53
CA GLU D 5 5.35 5.19 15.88
C GLU D 5 4.47 4.39 16.76
N GLN D 6 5.11 3.44 17.46
CA GLN D 6 4.49 2.59 18.43
C GLN D 6 5.48 2.42 19.58
N ASN D 7 4.98 2.42 20.80
CA ASN D 7 5.79 2.07 21.95
C ASN D 7 6.27 0.63 21.80
N SER D 8 7.50 0.36 22.22
CA SER D 8 8.06 -0.97 22.05
C SER D 8 7.54 -2.02 22.99
N GLY D 9 7.18 -1.62 24.18
CA GLY D 9 6.88 -2.61 25.21
C GLY D 9 8.24 -3.11 25.71
N PRO D 10 8.27 -4.24 26.41
CA PRO D 10 7.16 -5.12 26.71
C PRO D 10 6.13 -4.55 27.63
N LEU D 11 4.89 -4.76 27.26
CA LEU D 11 3.75 -4.36 28.04
C LEU D 11 3.09 -5.62 28.60
N SER D 12 2.79 -5.61 29.89
CA SER D 12 2.18 -6.74 30.57
C SER D 12 0.71 -6.46 30.82
N VAL D 13 -0.12 -7.45 30.60
CA VAL D 13 -1.54 -7.34 30.84
C VAL D 13 -1.96 -8.64 31.56
N PRO D 14 -2.77 -8.53 32.61
CA PRO D 14 -3.18 -9.78 33.24
C PRO D 14 -4.18 -10.53 32.34
N GLU D 15 -4.12 -11.85 32.38
CA GLU D 15 -5.09 -12.65 31.65
C GLU D 15 -6.51 -12.18 31.98
N GLY D 16 -7.36 -11.97 30.98
CA GLY D 16 -8.72 -11.54 31.23
C GLY D 16 -8.95 -10.06 31.06
N ALA D 17 -7.89 -9.27 31.09
CA ALA D 17 -8.02 -7.82 30.98
C ALA D 17 -7.98 -7.38 29.52
N ILE D 18 -8.28 -6.12 29.29
CA ILE D 18 -8.25 -5.55 27.95
C ILE D 18 -6.84 -5.01 27.70
N ALA D 19 -6.23 -5.42 26.58
CA ALA D 19 -4.96 -4.89 26.18
C ALA D 19 -5.23 -3.75 25.19
N SER D 20 -4.55 -2.62 25.35
CA SER D 20 -4.69 -1.45 24.42
C SER D 20 -3.36 -1.15 23.78
N LEU D 21 -3.35 -1.19 22.45
CA LEU D 21 -2.13 -0.94 21.68
C LEU D 21 -2.40 0.30 20.84
N ASN D 22 -1.44 1.19 20.84
CA ASN D 22 -1.54 2.49 20.21
C ASN D 22 -0.48 2.71 19.16
N CYS D 23 -0.86 3.49 18.16
CA CYS D 23 -0.02 3.78 17.05
C CYS D 23 -0.32 5.18 16.55
N THR D 24 0.72 5.93 16.18
CA THR D 24 0.51 7.21 15.55
C THR D 24 1.24 7.20 14.19
N TYR D 25 0.74 7.96 13.22
CA TYR D 25 1.42 8.02 11.89
C TYR D 25 1.63 9.46 11.45
N SER D 26 2.66 9.72 10.64
CA SER D 26 2.92 11.06 10.18
C SER D 26 2.50 11.32 8.69
N PHE D 27 2.29 10.28 7.92
CA PHE D 27 1.96 10.45 6.50
C PHE D 27 0.49 10.82 6.40
N LEU D 28 0.22 12.08 6.11
CA LEU D 28 -1.15 12.58 6.11
C LEU D 28 -2.07 11.96 5.05
N GLY D 29 -1.51 11.50 3.93
CA GLY D 29 -2.32 10.91 2.86
C GLY D 29 -2.62 9.41 3.06
N SER D 30 -2.40 8.89 4.27
CA SER D 30 -2.67 7.49 4.57
C SER D 30 -4.16 7.22 4.49
N GLN D 31 -4.57 6.23 3.72
CA GLN D 31 -6.00 5.96 3.51
C GLN D 31 -6.53 4.63 4.08
N SER D 32 -5.64 3.77 4.52
CA SER D 32 -6.05 2.53 5.18
C SER D 32 -5.01 2.15 6.19
N PHE D 33 -5.42 1.34 7.15
CA PHE D 33 -4.62 1.03 8.32
C PHE D 33 -4.79 -0.43 8.72
N PHE D 34 -3.70 -1.01 9.19
CA PHE D 34 -3.63 -2.44 9.42
C PHE D 34 -2.94 -2.80 10.71
N TRP D 35 -3.41 -3.91 11.33
CA TRP D 35 -2.78 -4.48 12.46
C TRP D 35 -2.39 -5.93 12.17
N TYR D 36 -1.16 -6.27 12.53
CA TYR D 36 -0.63 -7.63 12.38
C TYR D 36 -0.16 -8.11 13.73
N ARG D 37 -0.22 -9.43 13.94
CA ARG D 37 0.30 -10.09 15.12
C ARG D 37 1.51 -10.91 14.67
N GLN D 38 2.62 -10.82 15.40
CA GLN D 38 3.82 -11.58 15.08
C GLN D 38 4.37 -12.33 16.28
N TYR D 39 4.30 -13.65 16.20
CA TYR D 39 4.82 -14.50 17.19
C TYR D 39 6.28 -14.70 16.94
N SER D 40 6.96 -15.06 17.99
CA SER D 40 8.40 -15.30 17.96
C SER D 40 8.80 -16.31 16.88
N GLY D 41 9.70 -15.91 16.00
CA GLY D 41 10.18 -16.80 14.93
C GLY D 41 9.23 -16.94 13.72
N LYS D 42 8.11 -16.24 13.73
CA LYS D 42 7.11 -16.35 12.65
C LYS D 42 6.91 -15.06 11.86
N SER D 43 6.32 -15.16 10.69
CA SER D 43 5.95 -13.99 9.92
C SER D 43 4.70 -13.32 10.50
N PRO D 44 4.47 -12.05 10.18
CA PRO D 44 3.30 -11.43 10.75
C PRO D 44 2.01 -11.96 10.13
N GLU D 45 0.96 -12.01 10.95
CA GLU D 45 -0.33 -12.41 10.52
C GLU D 45 -1.32 -11.28 10.64
N LEU D 46 -2.08 -11.09 9.58
CA LEU D 46 -3.02 -10.00 9.52
C LEU D 46 -4.13 -10.25 10.51
N ILE D 47 -4.39 -9.26 11.37
CA ILE D 47 -5.45 -9.33 12.35
C ILE D 47 -6.63 -8.61 11.77
N MET D 48 -6.39 -7.35 11.35
CA MET D 48 -7.46 -6.56 10.73
C MET D 48 -7.03 -5.28 10.07
N PHE D 49 -7.98 -4.69 9.34
CA PHE D 49 -7.75 -3.47 8.69
C PHE D 49 -8.96 -2.57 8.80
N THR D 50 -8.74 -1.29 8.55
CA THR D 50 -9.83 -0.34 8.53
C THR D 50 -9.47 0.80 7.62
N TYR D 51 -10.49 1.39 7.00
CA TYR D 51 -10.30 2.56 6.16
C TYR D 51 -11.30 3.64 6.54
N ARG D 52 -11.89 3.53 7.72
CA ARG D 52 -12.75 4.58 8.16
C ARG D 52 -12.66 4.92 9.60
N GLU D 53 -13.03 6.16 9.90
CA GLU D 53 -13.03 6.67 11.27
C GLU D 53 -13.95 5.88 12.18
N GLY D 54 -13.55 5.75 13.43
CA GLY D 54 -14.36 5.05 14.38
C GLY D 54 -13.81 3.67 14.71
N ASP D 55 -14.70 2.83 15.22
CA ASP D 55 -14.33 1.52 15.70
C ASP D 55 -14.78 0.41 14.77
N LYS D 56 -14.00 -0.65 14.74
CA LYS D 56 -14.31 -1.81 13.95
C LYS D 56 -14.01 -3.04 14.81
N GLU D 57 -15.03 -3.85 15.09
CA GLU D 57 -14.84 -5.03 15.90
C GLU D 57 -14.89 -6.31 15.11
N ASP D 58 -13.98 -7.21 15.47
CA ASP D 58 -13.93 -8.55 14.90
C ASP D 58 -13.60 -9.49 16.05
N GLY D 59 -14.61 -10.14 16.58
CA GLY D 59 -14.46 -11.01 17.76
C GLY D 59 -13.92 -10.22 18.98
N ARG D 60 -12.77 -10.63 19.48
CA ARG D 60 -12.17 -9.96 20.64
C ARG D 60 -11.36 -8.73 20.29
N PHE D 61 -11.17 -8.47 18.99
CA PHE D 61 -10.36 -7.33 18.55
C PHE D 61 -11.20 -6.16 18.09
N THR D 62 -10.81 -4.97 18.50
CA THR D 62 -11.45 -3.74 18.05
C THR D 62 -10.36 -2.77 17.59
N ALA D 63 -10.39 -2.41 16.32
CA ALA D 63 -9.46 -1.41 15.79
C ALA D 63 -10.15 -0.04 15.83
N GLN D 64 -9.41 1.01 16.13
CA GLN D 64 -9.97 2.35 16.18
C GLN D 64 -9.13 3.30 15.35
N LEU D 65 -9.78 4.18 14.62
CA LEU D 65 -9.07 5.17 13.83
C LEU D 65 -9.59 6.54 14.15
N ASN D 66 -8.67 7.47 14.47
CA ASN D 66 -8.96 8.92 14.66
C ASN D 66 -7.98 9.64 13.72
N LYS D 67 -8.48 10.01 12.54
CA LYS D 67 -7.68 10.66 11.52
C LYS D 67 -7.21 12.07 11.89
N ALA D 68 -7.97 12.79 12.68
CA ALA D 68 -7.57 14.15 13.06
C ALA D 68 -6.37 14.15 14.03
N SER D 69 -6.18 13.10 14.79
CA SER D 69 -5.05 13.04 15.68
C SER D 69 -4.05 12.01 15.15
N GLN D 70 -4.31 11.48 13.96
CA GLN D 70 -3.48 10.46 13.34
C GLN D 70 -3.16 9.31 14.30
N HIS D 71 -4.21 8.80 14.91
CA HIS D 71 -4.07 7.77 15.88
C HIS D 71 -4.87 6.53 15.52
N VAL D 72 -4.21 5.39 15.59
CA VAL D 72 -4.82 4.11 15.35
C VAL D 72 -4.56 3.28 16.61
N SER D 73 -5.55 2.49 17.03
CA SER D 73 -5.37 1.63 18.17
C SER D 73 -6.00 0.30 17.95
N LEU D 74 -5.60 -0.66 18.77
CA LEU D 74 -6.13 -2.01 18.74
C LEU D 74 -6.43 -2.39 20.17
N LEU D 75 -7.68 -2.79 20.44
CA LEU D 75 -8.04 -3.24 21.78
C LEU D 75 -8.27 -4.76 21.70
N ILE D 76 -7.78 -5.49 22.70
CA ILE D 76 -7.97 -6.91 22.74
C ILE D 76 -8.64 -7.22 24.03
N ARG D 77 -9.86 -7.75 23.93
N ARG D 77 -9.88 -7.68 24.00
CA ARG D 77 -10.69 -8.11 25.07
CA ARG D 77 -10.52 -7.97 25.26
C ARG D 77 -10.35 -9.51 25.57
C ARG D 77 -10.36 -9.46 25.60
N ASP D 78 -10.56 -9.77 26.86
CA ASP D 78 -10.38 -11.12 27.43
C ASP D 78 -9.03 -11.67 27.04
N SER D 79 -7.99 -10.87 27.25
CA SER D 79 -6.64 -11.22 26.86
C SER D 79 -6.24 -12.58 27.36
N GLN D 80 -5.53 -13.33 26.54
CA GLN D 80 -5.12 -14.69 26.89
C GLN D 80 -3.60 -14.83 26.73
N PRO D 81 -2.97 -15.76 27.46
CA PRO D 81 -1.52 -15.95 27.26
C PRO D 81 -1.14 -16.14 25.77
N SER D 82 -2.02 -16.78 25.01
CA SER D 82 -1.77 -17.03 23.59
C SER D 82 -1.81 -15.73 22.77
N ASP D 83 -2.22 -14.62 23.37
CA ASP D 83 -2.17 -13.32 22.69
C ASP D 83 -0.77 -12.67 22.80
N SER D 84 0.12 -13.28 23.58
CA SER D 84 1.48 -12.75 23.74
C SER D 84 2.18 -12.79 22.39
N ALA D 85 2.66 -11.63 21.95
CA ALA D 85 3.20 -11.47 20.64
C ALA D 85 3.59 -10.02 20.42
N THR D 86 4.24 -9.74 19.31
CA THR D 86 4.51 -8.32 18.94
C THR D 86 3.40 -7.90 17.94
N TYR D 87 2.76 -6.75 18.22
CA TYR D 87 1.68 -6.23 17.39
C TYR D 87 2.22 -5.09 16.57
N LEU D 88 2.13 -5.24 15.25
CA LEU D 88 2.62 -4.25 14.29
C LEU D 88 1.47 -3.44 13.67
N CYS D 89 1.64 -2.15 13.70
CA CYS D 89 0.73 -1.21 13.06
C CYS D 89 1.32 -0.87 11.69
N ALA D 90 0.49 -0.78 10.66
CA ALA D 90 0.97 -0.37 9.32
C ALA D 90 -0.02 0.58 8.69
N VAL D 91 0.50 1.51 7.91
CA VAL D 91 -0.35 2.44 7.17
C VAL D 91 -0.12 2.18 5.67
N ASN D 92 -1.14 2.40 4.87
CA ASN D 92 -0.96 2.32 3.45
C ASN D 92 -0.70 3.73 2.97
N ASP D 93 0.53 3.98 2.53
CA ASP D 93 0.92 5.29 2.09
C ASP D 93 1.02 5.37 0.58
N GLY D 94 0.24 4.53 -0.08
CA GLY D 94 0.16 4.58 -1.54
C GLY D 94 0.70 3.34 -2.20
N GLY D 95 -0.17 2.36 -2.42
CA GLY D 95 0.20 1.12 -3.08
C GLY D 95 1.00 0.15 -2.28
N ARG D 96 1.25 0.47 -1.00
CA ARG D 96 2.09 -0.38 -0.18
C ARG D 96 1.87 -0.07 1.26
N LEU D 97 2.36 -0.95 2.10
CA LEU D 97 2.28 -0.76 3.52
C LEU D 97 3.63 -0.36 4.13
N THR D 98 3.56 0.60 5.07
CA THR D 98 4.72 1.08 5.84
C THR D 98 4.41 0.72 7.28
N PHE D 99 5.37 0.06 7.92
CA PHE D 99 5.18 -0.46 9.28
C PHE D 99 5.82 0.30 10.38
N GLY D 100 5.24 0.20 11.56
CA GLY D 100 5.89 0.69 12.75
C GLY D 100 6.78 -0.47 13.21
N ASP D 101 7.46 -0.31 14.34
CA ASP D 101 8.38 -1.32 14.82
C ASP D 101 7.77 -2.32 15.79
N GLY D 102 6.51 -2.10 16.13
CA GLY D 102 5.75 -3.02 16.97
C GLY D 102 5.77 -2.78 18.46
N THR D 103 4.74 -3.29 19.11
CA THR D 103 4.60 -3.29 20.53
C THR D 103 4.52 -4.73 21.01
N THR D 104 5.48 -5.13 21.83
CA THR D 104 5.53 -6.47 22.36
C THR D 104 4.61 -6.55 23.59
N LEU D 105 3.67 -7.47 23.55
CA LEU D 105 2.73 -7.69 24.59
C LEU D 105 2.92 -9.04 25.23
N THR D 106 2.90 -9.07 26.57
CA THR D 106 2.97 -10.32 27.33
C THR D 106 1.74 -10.39 28.20
N VAL D 107 0.98 -11.46 28.05
CA VAL D 107 -0.22 -11.65 28.83
C VAL D 107 0.10 -12.67 29.91
N LYS D 108 0.08 -12.21 31.15
CA LYS D 108 0.44 -13.03 32.29
C LYS D 108 -0.66 -14.04 32.63
N PRO D 109 -0.31 -15.33 32.71
CA PRO D 109 -1.28 -16.37 33.04
C PRO D 109 -1.73 -16.30 34.46
N ASN D 110 -3.02 -16.48 34.65
CA ASN D 110 -3.59 -16.55 35.96
C ASN D 110 -3.41 -17.96 36.51
N ILE D 111 -2.49 -18.12 37.46
CA ILE D 111 -2.26 -19.44 38.06
C ILE D 111 -3.12 -19.52 39.32
N GLN D 112 -4.13 -20.39 39.28
CA GLN D 112 -5.11 -20.47 40.39
C GLN D 112 -4.65 -21.36 41.55
N ASN D 113 -3.80 -22.35 41.28
CA ASN D 113 -3.35 -23.27 42.31
C ASN D 113 -1.83 -23.40 42.40
N PRO D 114 -1.14 -22.35 42.85
CA PRO D 114 0.30 -22.39 42.87
C PRO D 114 0.93 -23.21 43.96
N ASP D 115 1.85 -24.11 43.59
CA ASP D 115 2.65 -24.82 44.58
C ASP D 115 4.08 -24.93 44.06
N PRO D 116 4.81 -23.81 44.16
CA PRO D 116 6.19 -23.69 43.72
C PRO D 116 7.05 -24.80 44.28
N ALA D 117 7.92 -25.35 43.44
CA ALA D 117 8.81 -26.41 43.83
C ALA D 117 10.01 -26.46 42.89
N VAL D 118 11.14 -26.89 43.43
CA VAL D 118 12.37 -27.03 42.65
C VAL D 118 12.73 -28.49 42.70
N TYR D 119 12.87 -29.10 41.52
CA TYR D 119 13.19 -30.52 41.45
C TYR D 119 14.46 -30.74 40.64
N GLN D 120 15.09 -31.89 40.90
CA GLN D 120 16.27 -32.29 40.17
C GLN D 120 15.87 -33.41 39.21
N LEU D 121 16.22 -33.22 37.94
CA LEU D 121 15.96 -34.20 36.91
C LEU D 121 17.26 -34.65 36.32
N ARG D 122 17.39 -35.92 36.05
CA ARG D 122 18.58 -36.35 35.40
C ARG D 122 18.48 -37.70 34.78
N ASP D 123 18.74 -37.73 33.47
CA ASP D 123 18.90 -38.96 32.74
C ASP D 123 20.41 -39.07 32.85
N SER D 124 20.87 -39.80 33.86
CA SER D 124 22.32 -39.91 34.16
C SER D 124 23.13 -40.85 33.27
N LYS D 125 23.36 -40.45 32.02
CA LYS D 125 24.19 -41.26 31.12
C LYS D 125 24.76 -40.37 30.00
N SER D 126 26.10 -40.34 29.92
CA SER D 126 26.82 -39.55 28.91
C SER D 126 26.56 -38.02 28.94
N SER D 127 26.21 -37.48 30.10
CA SER D 127 25.97 -36.04 30.24
C SER D 127 26.48 -35.54 31.61
N ASP D 128 27.55 -34.73 31.59
CA ASP D 128 28.20 -34.21 32.81
C ASP D 128 27.39 -33.14 33.57
N LYS D 129 26.37 -32.58 32.93
CA LYS D 129 25.56 -31.51 33.55
C LYS D 129 24.15 -31.96 33.88
N SER D 130 23.82 -32.00 35.18
CA SER D 130 22.45 -32.34 35.61
C SER D 130 21.59 -31.09 35.53
N VAL D 131 20.27 -31.28 35.61
CA VAL D 131 19.30 -30.16 35.46
C VAL D 131 18.31 -29.95 36.62
N CYS D 132 18.05 -28.67 36.95
CA CYS D 132 17.11 -28.29 38.01
C CYS D 132 15.87 -27.59 37.41
N LEU D 133 14.69 -28.03 37.85
CA LEU D 133 13.43 -27.49 37.36
C LEU D 133 12.64 -26.72 38.44
N PHE D 134 12.47 -25.41 38.23
CA PHE D 134 11.66 -24.58 39.12
C PHE D 134 10.31 -24.52 38.43
N THR D 135 9.27 -25.04 39.10
CA THR D 135 7.95 -25.15 38.48
C THR D 135 6.75 -24.91 39.41
N ASP D 136 5.61 -24.56 38.79
CA ASP D 136 4.32 -24.37 39.47
C ASP D 136 4.18 -23.08 40.29
N PHE D 137 5.05 -22.12 40.06
CA PHE D 137 4.96 -20.82 40.74
C PHE D 137 3.95 -19.90 40.02
N ASP D 138 3.46 -18.88 40.73
CA ASP D 138 2.50 -17.96 40.14
C ASP D 138 3.25 -16.97 39.27
N SER D 139 2.51 -16.22 38.46
CA SER D 139 3.12 -15.30 37.48
C SER D 139 3.74 -14.01 38.05
N GLN D 140 3.55 -13.74 39.33
CA GLN D 140 4.18 -12.55 39.91
C GLN D 140 5.67 -12.82 40.19
N THR D 141 6.08 -14.08 40.14
CA THR D 141 7.46 -14.46 40.36
C THR D 141 8.27 -14.29 39.06
N ASN D 142 9.34 -13.49 39.12
CA ASN D 142 10.21 -13.30 37.96
C ASN D 142 11.54 -14.01 38.19
N VAL D 143 12.08 -14.61 37.12
CA VAL D 143 13.34 -15.31 37.22
C VAL D 143 14.48 -14.44 36.62
N SER D 144 15.60 -14.37 37.33
CA SER D 144 16.74 -13.61 36.85
C SER D 144 17.87 -14.57 36.42
N GLN D 145 18.74 -14.08 35.53
CA GLN D 145 19.87 -14.87 35.02
C GLN D 145 20.83 -15.17 36.17
N SER D 146 21.65 -16.21 36.02
CA SER D 146 22.58 -16.54 37.10
C SER D 146 23.70 -15.51 37.16
N LYS D 147 24.27 -15.36 38.34
CA LYS D 147 25.36 -14.44 38.54
C LYS D 147 26.67 -15.22 38.40
N ASP D 148 26.55 -16.46 37.93
CA ASP D 148 27.69 -17.34 37.76
C ASP D 148 27.82 -17.70 36.28
N SER D 149 29.05 -17.62 35.77
CA SER D 149 29.32 -17.89 34.36
C SER D 149 29.13 -19.36 33.98
N ASP D 150 29.22 -20.26 34.97
CA ASP D 150 29.07 -21.70 34.75
C ASP D 150 27.65 -22.17 35.01
N VAL D 151 26.78 -21.26 35.41
CA VAL D 151 25.40 -21.63 35.71
C VAL D 151 24.45 -21.01 34.67
N TYR D 152 23.56 -21.83 34.13
CA TYR D 152 22.63 -21.37 33.09
C TYR D 152 21.21 -21.47 33.57
N ILE D 153 20.50 -20.35 33.49
CA ILE D 153 19.10 -20.33 33.90
C ILE D 153 18.25 -19.76 32.76
N THR D 154 17.21 -20.48 32.36
CA THR D 154 16.34 -20.01 31.32
C THR D 154 15.26 -19.12 31.94
N ASP D 155 14.62 -18.33 31.09
CA ASP D 155 13.54 -17.49 31.52
C ASP D 155 12.30 -18.36 31.74
N LYS D 156 11.30 -17.83 32.44
CA LYS D 156 10.09 -18.61 32.71
C LYS D 156 9.36 -18.87 31.41
N CYS D 157 8.72 -20.03 31.35
CA CYS D 157 8.02 -20.50 30.20
C CYS D 157 6.70 -21.10 30.72
N VAL D 158 5.58 -20.80 30.05
CA VAL D 158 4.26 -21.28 30.49
C VAL D 158 3.73 -22.42 29.62
N LEU D 159 3.46 -23.58 30.22
CA LEU D 159 2.93 -24.75 29.46
C LEU D 159 1.49 -25.05 29.83
N ASP D 160 0.75 -25.68 28.91
CA ASP D 160 -0.67 -25.98 29.13
C ASP D 160 -1.04 -27.46 28.87
N MET D 161 -1.44 -28.17 29.93
CA MET D 161 -1.91 -29.56 29.82
C MET D 161 -3.41 -29.51 29.68
N ARG D 162 -3.90 -29.75 28.46
CA ARG D 162 -5.34 -29.66 28.15
C ARG D 162 -6.31 -30.06 29.29
N SER D 163 -5.97 -31.12 30.04
CA SER D 163 -6.83 -31.58 31.15
C SER D 163 -6.78 -30.64 32.36
N MET D 164 -7.91 -30.57 33.08
CA MET D 164 -8.04 -29.72 34.30
C MET D 164 -7.68 -28.24 34.07
N ASP D 165 -7.68 -27.80 32.81
CA ASP D 165 -7.28 -26.42 32.50
C ASP D 165 -6.03 -26.08 33.28
N PHE D 166 -5.15 -27.07 33.42
CA PHE D 166 -3.93 -26.91 34.19
C PHE D 166 -2.79 -26.24 33.40
N LYS D 167 -2.40 -25.05 33.83
CA LYS D 167 -1.28 -24.33 33.26
C LYS D 167 -0.20 -24.25 34.32
N SER D 168 1.05 -24.13 33.90
CA SER D 168 2.14 -24.04 34.85
C SER D 168 3.34 -23.34 34.26
N ASN D 169 3.92 -22.47 35.09
CA ASN D 169 5.13 -21.76 34.75
C ASN D 169 6.30 -22.65 35.14
N SER D 170 7.39 -22.54 34.40
CA SER D 170 8.60 -23.28 34.74
C SER D 170 9.82 -22.55 34.21
N ALA D 171 10.95 -22.83 34.86
CA ALA D 171 12.25 -22.31 34.44
C ALA D 171 13.25 -23.43 34.70
N VAL D 172 14.28 -23.52 33.87
CA VAL D 172 15.29 -24.56 33.99
C VAL D 172 16.67 -23.97 34.21
N ALA D 173 17.45 -24.63 35.07
CA ALA D 173 18.83 -24.25 35.31
C ALA D 173 19.71 -25.49 35.23
N TRP D 174 20.95 -25.29 34.82
CA TRP D 174 21.89 -26.39 34.77
C TRP D 174 23.30 -25.85 34.82
N SER D 175 24.23 -26.75 35.06
CA SER D 175 25.64 -26.41 35.16
C SER D 175 26.40 -27.71 35.20
N ASN D 176 27.66 -27.68 34.84
CA ASN D 176 28.47 -28.89 34.87
C ASN D 176 29.52 -28.84 35.97
N LYS D 177 29.49 -27.79 36.80
CA LYS D 177 30.45 -27.67 37.90
C LYS D 177 30.04 -28.55 39.08
N SER D 178 31.01 -28.88 39.93
CA SER D 178 30.79 -29.77 41.09
C SER D 178 29.83 -29.24 42.16
N ASP D 179 30.20 -28.13 42.80
CA ASP D 179 29.41 -27.55 43.90
C ASP D 179 27.97 -27.11 43.54
N PHE D 180 27.56 -27.29 42.29
CA PHE D 180 26.21 -26.90 41.86
C PHE D 180 25.14 -27.77 42.51
N ALA D 181 24.26 -27.14 43.27
CA ALA D 181 23.15 -27.82 43.93
C ALA D 181 21.87 -27.07 43.59
N CYS D 182 20.79 -27.81 43.33
CA CYS D 182 19.51 -27.19 42.96
C CYS D 182 18.98 -26.22 44.04
N ALA D 183 19.22 -26.56 45.31
CA ALA D 183 18.77 -25.73 46.42
C ALA D 183 19.38 -24.32 46.38
N ASN D 184 20.41 -24.15 45.54
CA ASN D 184 21.10 -22.88 45.42
C ASN D 184 20.91 -22.22 44.03
N ALA D 185 20.54 -23.03 43.04
CA ALA D 185 20.37 -22.59 41.64
C ALA D 185 19.70 -21.22 41.46
N PHE D 186 18.51 -21.07 42.01
CA PHE D 186 17.71 -19.85 41.83
C PHE D 186 17.95 -18.75 42.90
N ASN D 187 17.22 -17.63 42.79
CA ASN D 187 17.43 -16.47 43.69
C ASN D 187 16.20 -15.84 44.40
N ASN D 188 15.47 -15.00 43.66
CA ASN D 188 14.33 -14.23 44.21
C ASN D 188 12.96 -14.95 44.19
N SER D 189 13.00 -16.28 44.15
CA SER D 189 11.78 -17.10 44.08
C SER D 189 10.95 -17.10 45.37
N ILE D 190 9.87 -17.88 45.33
CA ILE D 190 8.99 -18.06 46.48
C ILE D 190 9.42 -19.36 47.19
N ILE D 191 9.50 -19.31 48.51
CA ILE D 191 10.05 -20.41 49.34
C ILE D 191 9.65 -21.91 49.06
N PRO D 192 8.35 -22.24 49.13
CA PRO D 192 7.87 -23.64 49.13
C PRO D 192 8.46 -24.73 48.19
N GLU D 193 8.60 -25.91 48.79
CA GLU D 193 8.95 -27.21 48.19
C GLU D 193 10.40 -27.39 47.64
N ASP D 194 11.30 -27.77 48.55
CA ASP D 194 12.69 -28.13 48.22
C ASP D 194 12.94 -29.50 48.81
N THR D 195 12.66 -30.56 48.06
CA THR D 195 12.83 -31.93 48.55
C THR D 195 14.24 -32.49 48.37
N PHE D 196 14.57 -33.49 49.18
CA PHE D 196 15.87 -34.15 49.12
C PHE D 196 15.81 -35.53 49.73
N PHE D 197 16.25 -36.54 48.96
CA PHE D 197 16.25 -37.92 49.42
C PHE D 197 17.19 -38.11 50.60
N SER E 1 -9.99 -19.48 -2.33
CA SER E 1 -8.96 -19.58 -1.26
C SER E 1 -7.57 -19.23 -1.77
N GLN E 2 -6.92 -18.27 -1.13
CA GLN E 2 -5.58 -17.87 -1.53
C GLN E 2 -4.54 -18.36 -0.56
N THR E 3 -3.35 -18.68 -1.09
CA THR E 3 -2.22 -19.10 -0.29
C THR E 3 -0.97 -18.42 -0.84
N ILE E 4 -0.03 -18.11 0.04
CA ILE E 4 1.25 -17.55 -0.37
C ILE E 4 2.32 -18.39 0.33
N HIS E 5 3.32 -18.85 -0.43
N HIS E 5 3.32 -18.82 -0.44
CA HIS E 5 4.37 -19.70 0.15
CA HIS E 5 4.39 -19.69 0.06
C HIS E 5 5.76 -19.27 -0.31
C HIS E 5 5.75 -19.11 -0.27
N GLN E 6 6.71 -19.29 0.63
CA GLN E 6 8.11 -18.86 0.42
C GLN E 6 9.08 -19.96 0.73
N TRP E 7 10.20 -19.96 0.02
N TRP E 7 10.21 -19.96 0.04
CA TRP E 7 11.21 -20.98 0.21
CA TRP E 7 11.24 -20.93 0.33
C TRP E 7 12.58 -20.44 -0.23
C TRP E 7 12.58 -20.43 -0.19
N PRO E 8 13.67 -20.87 0.45
CA PRO E 8 13.71 -21.74 1.64
C PRO E 8 13.28 -20.96 2.91
N ALA E 9 12.96 -21.68 3.98
CA ALA E 9 12.47 -21.07 5.19
C ALA E 9 13.57 -20.48 6.09
N THR E 10 14.72 -21.12 6.11
CA THR E 10 15.85 -20.71 6.92
C THR E 10 17.11 -21.03 6.17
N LEU E 11 18.04 -20.10 6.19
CA LEU E 11 19.30 -20.31 5.51
C LEU E 11 20.46 -19.65 6.20
N VAL E 12 21.56 -20.39 6.23
CA VAL E 12 22.81 -19.96 6.83
C VAL E 12 23.85 -20.05 5.72
N GLN E 13 24.42 -18.91 5.33
CA GLN E 13 25.37 -18.85 4.24
C GLN E 13 26.59 -17.96 4.56
N PRO E 14 27.72 -18.24 3.89
CA PRO E 14 28.87 -17.40 4.09
C PRO E 14 28.78 -16.10 3.26
N VAL E 15 29.49 -15.09 3.74
CA VAL E 15 29.61 -13.80 3.04
C VAL E 15 30.14 -14.14 1.66
N GLY E 16 29.68 -13.45 0.64
CA GLY E 16 30.17 -13.70 -0.72
C GLY E 16 29.41 -14.78 -1.52
N SER E 17 28.46 -15.47 -0.89
CA SER E 17 27.71 -16.51 -1.59
C SER E 17 26.44 -15.92 -2.26
N PRO E 18 25.92 -16.60 -3.28
CA PRO E 18 24.72 -16.07 -3.91
C PRO E 18 23.45 -16.36 -3.12
N LEU E 19 22.44 -15.54 -3.30
CA LEU E 19 21.17 -15.73 -2.66
C LEU E 19 20.07 -15.91 -3.70
N SER E 20 19.18 -16.83 -3.43
CA SER E 20 17.97 -16.99 -4.24
C SER E 20 16.78 -17.40 -3.34
N LEU E 21 15.78 -16.53 -3.27
CA LEU E 21 14.56 -16.78 -2.49
C LEU E 21 13.40 -16.79 -3.41
N GLU E 22 12.45 -17.65 -3.16
CA GLU E 22 11.31 -17.75 -4.06
C GLU E 22 10.02 -17.59 -3.31
N CYS E 23 9.05 -16.99 -3.98
CA CYS E 23 7.73 -16.78 -3.46
C CYS E 23 6.66 -17.10 -4.54
N THR E 24 5.65 -17.88 -4.15
CA THR E 24 4.59 -18.22 -5.07
C THR E 24 3.23 -17.98 -4.42
N VAL E 25 2.26 -17.63 -5.26
CA VAL E 25 0.92 -17.36 -4.80
C VAL E 25 -0.05 -18.19 -5.59
N GLU E 26 -1.19 -18.50 -4.96
CA GLU E 26 -2.24 -19.28 -5.61
C GLU E 26 -3.59 -18.73 -5.23
N GLY E 27 -4.55 -18.88 -6.13
CA GLY E 27 -5.92 -18.49 -5.87
C GLY E 27 -6.30 -17.07 -6.21
N THR E 28 -5.39 -16.33 -6.83
CA THR E 28 -5.65 -14.95 -7.25
C THR E 28 -4.82 -14.68 -8.50
N SER E 29 -5.21 -13.71 -9.31
CA SER E 29 -4.52 -13.41 -10.56
C SER E 29 -4.05 -11.96 -10.59
N ASN E 30 -2.92 -11.74 -11.27
CA ASN E 30 -2.35 -10.43 -11.44
C ASN E 30 -2.23 -9.68 -10.14
N PRO E 31 -1.78 -10.36 -9.08
CA PRO E 31 -1.63 -9.68 -7.79
C PRO E 31 -0.47 -8.68 -7.73
N ASN E 32 -0.54 -7.78 -6.75
CA ASN E 32 0.58 -6.96 -6.39
C ASN E 32 1.46 -7.88 -5.54
N LEU E 33 2.78 -7.83 -5.73
CA LEU E 33 3.74 -8.70 -4.97
C LEU E 33 4.81 -7.80 -4.36
N TYR E 34 5.19 -8.14 -3.12
CA TYR E 34 6.09 -7.34 -2.34
C TYR E 34 7.15 -8.16 -1.67
N TRP E 35 8.38 -7.62 -1.67
CA TRP E 35 9.45 -8.16 -0.84
C TRP E 35 9.73 -7.17 0.28
N TYR E 36 9.74 -7.65 1.51
CA TYR E 36 10.09 -6.84 2.66
C TYR E 36 11.28 -7.55 3.39
N ARG E 37 12.08 -6.77 4.10
CA ARG E 37 13.13 -7.29 4.94
C ARG E 37 12.88 -6.81 6.37
N GLN E 38 12.99 -7.70 7.34
CA GLN E 38 12.77 -7.31 8.71
C GLN E 38 13.97 -7.68 9.57
N ALA E 39 14.51 -6.68 10.25
CA ALA E 39 15.62 -6.82 11.20
C ALA E 39 15.03 -7.05 12.61
N ALA E 40 15.82 -7.66 13.48
CA ALA E 40 15.40 -7.93 14.87
C ALA E 40 14.95 -6.66 15.57
N GLY E 41 13.77 -6.74 16.20
CA GLY E 41 13.23 -5.62 16.96
C GLY E 41 12.62 -4.48 16.14
N ARG E 42 12.46 -4.70 14.86
CA ARG E 42 11.94 -3.70 13.98
C ARG E 42 10.90 -4.28 13.10
N GLY E 43 10.14 -3.40 12.44
CA GLY E 43 9.11 -3.84 11.53
C GLY E 43 9.65 -4.05 10.14
N PRO E 44 8.90 -4.79 9.33
CA PRO E 44 9.29 -5.04 7.93
C PRO E 44 9.52 -3.75 7.19
N GLN E 45 10.61 -3.70 6.41
CA GLN E 45 10.92 -2.55 5.56
C GLN E 45 10.79 -2.99 4.10
N LEU E 46 10.16 -2.19 3.28
CA LEU E 46 9.94 -2.58 1.90
C LEU E 46 11.24 -2.60 1.08
N LEU E 47 11.42 -3.64 0.30
CA LEU E 47 12.54 -3.69 -0.65
C LEU E 47 12.03 -3.40 -2.08
N PHE E 48 11.01 -4.16 -2.50
CA PHE E 48 10.44 -4.06 -3.84
C PHE E 48 8.92 -4.20 -3.82
N TYR E 49 8.27 -3.43 -4.67
CA TYR E 49 6.82 -3.51 -4.89
C TYR E 49 6.61 -3.63 -6.40
N TRP E 50 6.06 -4.78 -6.81
CA TRP E 50 5.78 -5.05 -8.23
C TRP E 50 4.28 -5.17 -8.47
N GLY E 51 3.82 -4.51 -9.51
CA GLY E 51 2.48 -4.73 -9.94
C GLY E 51 2.58 -5.92 -10.86
N PRO E 52 1.43 -6.38 -11.40
CA PRO E 52 1.42 -7.51 -12.31
C PRO E 52 2.30 -7.34 -13.54
N PHE E 53 2.59 -6.11 -13.96
CA PHE E 53 3.40 -5.92 -15.13
C PHE E 53 4.82 -5.41 -14.89
N GLY E 54 5.24 -5.28 -13.67
CA GLY E 54 6.55 -4.74 -13.43
C GLY E 54 6.63 -3.97 -12.15
N GLN E 55 7.85 -3.59 -11.83
CA GLN E 55 8.15 -2.89 -10.62
C GLN E 55 7.50 -1.53 -10.56
N ILE E 56 6.91 -1.22 -9.43
CA ILE E 56 6.31 0.08 -9.21
C ILE E 56 7.18 0.91 -8.26
N SER E 57 7.75 0.27 -7.25
CA SER E 57 8.67 0.98 -6.37
C SER E 57 9.66 0.02 -5.71
N SER E 58 10.80 0.59 -5.33
CA SER E 58 11.83 -0.15 -4.62
C SER E 58 12.59 0.87 -3.80
N GLU E 59 13.09 0.43 -2.65
CA GLU E 59 13.87 1.28 -1.84
C GLU E 59 15.33 1.00 -2.25
N VAL E 60 15.54 0.77 -3.56
CA VAL E 60 16.85 0.46 -4.17
C VAL E 60 17.83 -0.21 -3.21
N PRO E 61 17.53 -1.46 -2.80
CA PRO E 61 18.41 -2.16 -1.89
C PRO E 61 19.81 -2.24 -2.48
N GLN E 62 20.80 -2.10 -1.63
CA GLN E 62 22.18 -2.03 -2.10
C GLN E 62 22.68 -3.25 -2.87
N ASN E 63 22.30 -4.43 -2.44
CA ASN E 63 22.87 -5.65 -3.00
C ASN E 63 21.84 -6.72 -3.30
N LEU E 64 20.61 -6.31 -3.63
CA LEU E 64 19.54 -7.24 -3.93
C LEU E 64 18.81 -6.88 -5.21
N SER E 65 18.25 -7.87 -5.89
CA SER E 65 17.40 -7.60 -7.05
C SER E 65 16.24 -8.56 -7.04
N ALA E 66 15.17 -8.14 -7.69
CA ALA E 66 13.94 -8.90 -7.76
C ALA E 66 13.59 -9.18 -9.21
N SER E 67 12.80 -10.21 -9.41
CA SER E 67 12.29 -10.53 -10.74
C SER E 67 10.99 -11.26 -10.55
N ARG E 68 10.14 -11.20 -11.56
CA ARG E 68 8.86 -11.82 -11.53
C ARG E 68 8.68 -12.58 -12.85
N PRO E 69 9.30 -13.76 -12.96
CA PRO E 69 9.31 -14.62 -14.18
C PRO E 69 7.92 -15.08 -14.62
N GLN E 70 6.96 -15.11 -13.69
CA GLN E 70 5.59 -15.49 -14.07
C GLN E 70 4.65 -14.68 -13.23
N ASP E 71 3.38 -14.69 -13.58
CA ASP E 71 2.40 -13.90 -12.86
C ASP E 71 2.43 -14.18 -11.33
N ARG E 72 2.60 -15.45 -10.94
CA ARG E 72 2.54 -15.77 -9.54
C ARG E 72 3.84 -16.31 -8.97
N GLN E 73 4.96 -15.91 -9.55
CA GLN E 73 6.28 -16.34 -9.10
C GLN E 73 7.15 -15.09 -8.93
N PHE E 74 7.68 -14.91 -7.73
CA PHE E 74 8.45 -13.75 -7.40
C PHE E 74 9.80 -14.22 -6.79
N ILE E 75 10.90 -13.65 -7.28
CA ILE E 75 12.25 -14.06 -6.86
C ILE E 75 13.05 -12.89 -6.31
N LEU E 76 13.81 -13.15 -5.24
CA LEU E 76 14.71 -12.15 -4.68
C LEU E 76 16.09 -12.80 -4.75
N SER E 77 17.07 -12.06 -5.28
CA SER E 77 18.40 -12.57 -5.53
C SER E 77 19.48 -11.62 -5.12
N SER E 78 20.67 -12.17 -4.97
CA SER E 78 21.92 -11.43 -4.76
C SER E 78 23.02 -12.28 -5.34
N LYS E 79 24.01 -11.68 -5.99
CA LYS E 79 25.13 -12.46 -6.53
C LYS E 79 26.15 -12.81 -5.46
N LYS E 80 26.44 -11.84 -4.59
CA LYS E 80 27.42 -12.00 -3.52
C LYS E 80 26.93 -11.27 -2.27
N LEU E 81 26.50 -12.04 -1.27
CA LEU E 81 25.95 -11.50 -0.04
C LEU E 81 26.94 -10.74 0.81
N LEU E 82 26.46 -9.72 1.49
CA LEU E 82 27.27 -8.99 2.45
C LEU E 82 26.79 -9.37 3.84
N LEU E 83 27.65 -9.19 4.85
CA LEU E 83 27.25 -9.45 6.24
C LEU E 83 25.98 -8.70 6.60
N SER E 84 25.84 -7.48 6.05
CA SER E 84 24.69 -6.66 6.34
C SER E 84 23.41 -7.18 5.75
N ASP E 85 23.45 -8.20 4.89
CA ASP E 85 22.22 -8.76 4.28
C ASP E 85 21.44 -9.74 5.18
N SER E 86 21.95 -10.04 6.36
CA SER E 86 21.20 -10.92 7.27
C SER E 86 19.88 -10.28 7.55
N GLY E 87 18.82 -11.09 7.66
CA GLY E 87 17.52 -10.60 7.98
C GLY E 87 16.42 -11.60 7.74
N PHE E 88 15.19 -11.19 8.05
CA PHE E 88 14.00 -12.03 7.86
C PHE E 88 13.28 -11.48 6.62
N TYR E 89 13.36 -12.21 5.51
CA TYR E 89 12.81 -11.78 4.20
C TYR E 89 11.40 -12.26 4.04
N LEU E 90 10.51 -11.31 3.81
CA LEU E 90 9.08 -11.55 3.72
C LEU E 90 8.48 -11.19 2.40
N CYS E 91 7.72 -12.12 1.82
CA CYS E 91 6.99 -11.89 0.61
C CYS E 91 5.53 -11.63 1.04
N ALA E 92 4.86 -10.71 0.35
CA ALA E 92 3.46 -10.42 0.62
C ALA E 92 2.75 -10.16 -0.73
N TRP E 93 1.42 -10.30 -0.73
CA TRP E 93 0.65 -10.04 -1.91
C TRP E 93 -0.54 -9.18 -1.56
N SER E 94 -1.02 -8.41 -2.53
CA SER E 94 -2.32 -7.72 -2.39
C SER E 94 -3.05 -7.88 -3.74
N GLU E 95 -4.35 -7.80 -3.67
CA GLU E 95 -5.17 -7.96 -4.83
C GLU E 95 -4.93 -6.85 -5.83
N THR E 96 -5.07 -7.16 -7.10
CA THR E 96 -4.87 -6.17 -8.17
C THR E 96 -5.53 -4.88 -7.82
N GLY E 97 -4.84 -3.77 -8.05
CA GLY E 97 -5.38 -2.47 -7.79
C GLY E 97 -4.90 -1.86 -6.51
N LEU E 98 -5.73 -0.97 -5.97
CA LEU E 98 -5.51 -0.30 -4.73
C LEU E 98 -6.79 -0.58 -3.93
N GLY E 99 -6.75 -1.66 -3.18
CA GLY E 99 -7.93 -2.04 -2.40
C GLY E 99 -7.56 -2.75 -1.14
N MET E 100 -8.51 -3.50 -0.61
CA MET E 100 -8.33 -4.12 0.69
C MET E 100 -8.08 -5.66 0.66
N GLY E 101 -8.12 -6.26 -0.51
CA GLY E 101 -7.93 -7.72 -0.62
C GLY E 101 -6.49 -8.13 -0.45
N GLY E 102 -6.25 -9.22 0.27
CA GLY E 102 -4.90 -9.73 0.46
C GLY E 102 -4.18 -9.12 1.65
N TRP E 103 -3.01 -8.53 1.38
CA TRP E 103 -2.11 -7.97 2.40
C TRP E 103 -1.68 -9.06 3.34
N GLN E 104 -1.27 -10.18 2.76
CA GLN E 104 -0.91 -11.32 3.56
C GLN E 104 0.54 -11.69 3.22
N PHE E 105 1.30 -12.11 4.25
CA PHE E 105 2.69 -12.53 4.12
C PHE E 105 2.81 -14.04 4.03
N GLY E 106 3.86 -14.48 3.36
CA GLY E 106 4.20 -15.86 3.34
C GLY E 106 4.92 -16.16 4.67
N GLU E 107 5.50 -17.35 4.78
CA GLU E 107 6.11 -17.81 6.04
C GLU E 107 7.42 -17.13 6.39
N GLY E 108 8.02 -16.48 5.41
CA GLY E 108 9.28 -15.79 5.62
C GLY E 108 10.51 -16.67 5.34
N SER E 109 11.64 -16.02 5.08
CA SER E 109 12.91 -16.70 4.80
C SER E 109 13.94 -16.07 5.69
N ARG E 110 14.39 -16.80 6.72
CA ARG E 110 15.36 -16.27 7.65
C ARG E 110 16.76 -16.53 7.17
N LEU E 111 17.49 -15.46 6.90
CA LEU E 111 18.83 -15.53 6.40
C LEU E 111 19.82 -14.96 7.38
N THR E 112 20.84 -15.78 7.66
CA THR E 112 21.97 -15.39 8.46
C THR E 112 23.22 -15.54 7.58
N VAL E 113 23.93 -14.42 7.41
CA VAL E 113 25.14 -14.39 6.64
C VAL E 113 26.29 -14.39 7.63
N LEU E 114 27.25 -15.27 7.41
CA LEU E 114 28.34 -15.42 8.35
C LEU E 114 29.67 -15.07 7.80
N GLU E 115 30.48 -14.45 8.64
CA GLU E 115 31.82 -14.07 8.26
C GLU E 115 32.77 -15.27 8.34
N ASP E 116 32.63 -16.10 9.38
CA ASP E 116 33.51 -17.26 9.59
C ASP E 116 32.73 -18.53 9.89
N LEU E 117 32.79 -19.49 8.98
CA LEU E 117 32.06 -20.70 9.11
C LEU E 117 32.55 -21.65 10.21
N LYS E 118 33.77 -21.46 10.70
CA LYS E 118 34.34 -22.30 11.78
C LYS E 118 33.50 -22.17 13.05
N ASN E 119 32.74 -21.11 13.15
CA ASN E 119 31.93 -20.88 14.30
C ASN E 119 30.68 -21.72 14.34
N VAL E 120 30.38 -22.41 13.24
CA VAL E 120 29.14 -23.18 13.15
C VAL E 120 29.22 -24.55 13.83
N PHE E 121 28.25 -24.82 14.70
CA PHE E 121 28.15 -26.07 15.44
C PHE E 121 26.71 -26.46 15.56
N PRO E 122 26.40 -27.74 15.36
CA PRO E 122 25.06 -28.15 15.60
C PRO E 122 24.87 -28.37 17.11
N PRO E 123 23.62 -28.54 17.55
CA PRO E 123 23.31 -28.81 18.95
C PRO E 123 23.55 -30.24 19.38
N GLU E 124 23.99 -30.41 20.62
CA GLU E 124 23.98 -31.70 21.26
C GLU E 124 22.62 -31.70 22.00
N VAL E 125 21.92 -32.82 21.94
CA VAL E 125 20.61 -32.89 22.52
C VAL E 125 20.59 -34.00 23.56
N ALA E 126 19.93 -33.73 24.68
CA ALA E 126 19.78 -34.71 25.75
C ALA E 126 18.40 -34.55 26.35
N VAL E 127 17.82 -35.67 26.76
CA VAL E 127 16.54 -35.69 27.43
C VAL E 127 16.78 -36.04 28.88
N PHE E 128 16.16 -35.25 29.78
CA PHE E 128 16.30 -35.49 31.20
C PHE E 128 14.96 -35.98 31.73
N GLU E 129 15.03 -37.04 32.52
CA GLU E 129 13.85 -37.73 33.02
C GLU E 129 13.24 -37.07 34.25
N PRO E 130 11.93 -37.21 34.38
CA PRO E 130 11.11 -36.63 35.46
C PRO E 130 11.66 -36.93 36.85
N SER E 131 11.55 -35.93 37.74
CA SER E 131 11.95 -36.07 39.13
C SER E 131 10.91 -36.89 39.87
N GLU E 132 11.34 -37.98 40.52
CA GLU E 132 10.40 -38.80 41.29
C GLU E 132 9.67 -37.97 42.35
N ALA E 133 10.37 -36.98 42.90
CA ALA E 133 9.78 -36.12 43.90
C ALA E 133 8.60 -35.38 43.27
N GLU E 134 8.76 -34.92 42.03
CA GLU E 134 7.68 -34.24 41.31
C GLU E 134 6.53 -35.21 41.14
N ILE E 135 6.85 -36.41 40.66
CA ILE E 135 5.86 -37.47 40.41
C ILE E 135 5.00 -37.80 41.62
N SER E 136 5.49 -37.48 42.82
CA SER E 136 4.77 -37.80 44.04
C SER E 136 4.08 -36.58 44.70
N HIS E 137 4.62 -35.38 44.48
CA HIS E 137 4.03 -34.16 45.05
C HIS E 137 2.77 -33.81 44.24
N THR E 138 2.87 -34.05 42.95
CA THR E 138 1.78 -33.89 42.01
C THR E 138 1.70 -35.23 41.33
N GLN E 139 0.79 -35.43 40.39
CA GLN E 139 0.76 -36.73 39.71
C GLN E 139 1.19 -36.46 38.28
N LYS E 140 2.18 -35.60 38.15
CA LYS E 140 2.67 -35.20 36.84
C LYS E 140 4.17 -35.46 36.73
N ALA E 141 4.61 -35.62 35.48
CA ALA E 141 6.00 -35.88 35.21
C ALA E 141 6.47 -34.92 34.13
N THR E 142 7.50 -34.13 34.43
CA THR E 142 8.03 -33.16 33.48
C THR E 142 9.34 -33.62 32.91
N LEU E 143 9.38 -33.82 31.59
CA LEU E 143 10.62 -34.17 30.91
C LEU E 143 11.22 -32.87 30.40
N VAL E 144 12.54 -32.78 30.38
CA VAL E 144 13.22 -31.60 29.90
C VAL E 144 14.18 -31.97 28.82
N CYS E 145 14.13 -31.23 27.72
CA CYS E 145 15.04 -31.45 26.62
C CYS E 145 15.98 -30.29 26.60
N LEU E 146 17.26 -30.57 26.52
CA LEU E 146 18.24 -29.51 26.50
C LEU E 146 19.05 -29.60 25.18
N ALA E 147 19.12 -28.50 24.44
CA ALA E 147 19.90 -28.44 23.20
C ALA E 147 20.99 -27.41 23.45
N THR E 148 22.25 -27.83 23.36
CA THR E 148 23.34 -26.97 23.73
C THR E 148 24.44 -26.89 22.69
N GLY E 149 25.26 -25.86 22.82
CA GLY E 149 26.42 -25.68 21.97
C GLY E 149 26.17 -25.37 20.53
N PHE E 150 24.97 -24.90 20.17
CA PHE E 150 24.71 -24.63 18.74
C PHE E 150 24.97 -23.18 18.31
N TYR E 151 25.38 -23.03 17.06
CA TYR E 151 25.60 -21.72 16.43
C TYR E 151 25.47 -21.89 14.90
N PRO E 152 24.73 -21.00 14.24
CA PRO E 152 24.01 -19.83 14.77
C PRO E 152 22.75 -20.23 15.55
N ASP E 153 21.90 -19.28 15.90
CA ASP E 153 20.74 -19.61 16.78
C ASP E 153 19.46 -20.16 16.13
N HIS E 154 19.56 -20.75 14.96
CA HIS E 154 18.35 -21.23 14.29
C HIS E 154 18.11 -22.71 14.49
N VAL E 155 17.22 -23.03 15.43
CA VAL E 155 16.83 -24.41 15.65
C VAL E 155 15.30 -24.46 15.81
N GLU E 156 14.71 -25.61 15.49
CA GLU E 156 13.25 -25.84 15.69
C GLU E 156 13.17 -27.14 16.48
N LEU E 157 12.65 -27.03 17.69
CA LEU E 157 12.57 -28.17 18.58
C LEU E 157 11.17 -28.71 18.60
N SER E 158 11.04 -30.02 18.54
CA SER E 158 9.72 -30.66 18.60
C SER E 158 9.78 -31.93 19.44
N TRP E 159 8.66 -32.30 20.05
CA TRP E 159 8.57 -33.55 20.84
C TRP E 159 7.75 -34.57 20.07
N TRP E 160 8.13 -35.83 20.17
CA TRP E 160 7.44 -36.90 19.49
C TRP E 160 7.17 -38.02 20.49
N VAL E 161 5.94 -38.52 20.49
CA VAL E 161 5.56 -39.60 21.39
C VAL E 161 5.04 -40.74 20.57
N ASN E 162 5.72 -41.88 20.68
CA ASN E 162 5.34 -43.07 19.95
C ASN E 162 5.23 -42.81 18.45
N GLY E 163 6.19 -42.06 17.90
CA GLY E 163 6.23 -41.79 16.47
C GLY E 163 5.40 -40.62 15.95
N LYS E 164 4.61 -39.98 16.82
CA LYS E 164 3.78 -38.82 16.43
C LYS E 164 4.11 -37.55 17.20
N GLU E 165 4.17 -36.43 16.49
CA GLU E 165 4.47 -35.16 17.10
C GLU E 165 3.33 -34.78 18.02
N VAL E 166 3.68 -34.20 19.16
CA VAL E 166 2.67 -33.78 20.14
C VAL E 166 2.85 -32.30 20.48
N HIS E 167 1.76 -31.65 20.90
CA HIS E 167 1.81 -30.24 21.23
C HIS E 167 1.36 -29.94 22.68
N SER E 168 0.48 -30.77 23.20
CA SER E 168 -0.02 -30.59 24.56
C SER E 168 1.05 -30.77 25.63
N GLY E 169 1.01 -29.93 26.65
CA GLY E 169 1.94 -30.01 27.78
C GLY E 169 3.36 -29.59 27.48
N VAL E 170 3.58 -29.01 26.30
CA VAL E 170 4.88 -28.58 25.87
C VAL E 170 5.11 -27.06 25.95
N CYS E 171 6.30 -26.65 26.38
CA CYS E 171 6.65 -25.23 26.29
C CYS E 171 8.17 -25.16 26.06
N THR E 172 8.51 -24.44 25.00
CA THR E 172 9.87 -24.30 24.56
C THR E 172 10.29 -22.84 24.70
N ASP E 173 11.50 -22.60 25.19
CA ASP E 173 11.97 -21.22 25.33
C ASP E 173 11.83 -20.52 23.96
N PRO E 174 11.24 -19.33 23.95
CA PRO E 174 11.12 -18.60 22.68
C PRO E 174 12.48 -18.23 22.10
N GLN E 175 13.44 -17.87 22.96
CA GLN E 175 14.79 -17.53 22.51
C GLN E 175 15.90 -18.27 23.28
N PRO E 176 16.98 -18.57 22.61
CA PRO E 176 18.05 -19.29 23.27
C PRO E 176 18.94 -18.39 24.09
N LEU E 177 19.70 -18.96 25.00
CA LEU E 177 20.58 -18.14 25.79
C LEU E 177 22.02 -18.33 25.30
N LYS E 178 22.83 -17.30 25.49
CA LYS E 178 24.22 -17.36 25.10
C LYS E 178 25.00 -18.15 26.15
N GLU E 179 25.83 -19.07 25.71
CA GLU E 179 26.62 -19.86 26.68
C GLU E 179 27.78 -19.05 27.27
N GLN E 180 28.20 -18.01 26.56
CA GLN E 180 29.23 -17.08 27.06
C GLN E 180 28.80 -15.70 26.64
N PRO E 181 27.98 -15.04 27.47
CA PRO E 181 27.37 -13.73 27.20
C PRO E 181 28.34 -12.65 26.74
N ALA E 182 29.62 -12.78 27.04
CA ALA E 182 30.59 -11.75 26.68
C ALA E 182 31.26 -11.99 25.34
N LEU E 183 30.90 -13.07 24.64
CA LEU E 183 31.50 -13.37 23.34
C LEU E 183 30.55 -13.14 22.17
N ASN E 184 31.01 -12.37 21.21
CA ASN E 184 30.22 -12.09 20.00
C ASN E 184 29.83 -13.37 19.29
N ASP E 185 30.70 -14.39 19.35
CA ASP E 185 30.47 -15.66 18.66
C ASP E 185 30.06 -16.80 19.57
N SER E 186 29.53 -16.48 20.75
CA SER E 186 29.09 -17.51 21.70
C SER E 186 28.09 -18.48 21.11
N ARG E 187 28.21 -19.75 21.50
CA ARG E 187 27.27 -20.73 21.10
C ARG E 187 26.03 -20.57 21.98
N TYR E 188 24.94 -21.23 21.57
CA TYR E 188 23.65 -21.09 22.24
C TYR E 188 23.12 -22.37 22.82
N ALA E 189 22.14 -22.20 23.70
CA ALA E 189 21.43 -23.31 24.33
C ALA E 189 19.95 -22.99 24.35
N LEU E 190 19.12 -24.05 24.27
CA LEU E 190 17.67 -23.90 24.30
C LEU E 190 17.13 -25.01 25.14
N SER E 191 16.08 -24.75 25.93
CA SER E 191 15.44 -25.80 26.72
C SER E 191 13.94 -25.88 26.38
N SER E 192 13.40 -27.08 26.54
CA SER E 192 11.99 -27.32 26.36
C SER E 192 11.51 -28.31 27.42
N ARG E 193 10.25 -28.22 27.82
CA ARG E 193 9.67 -29.15 28.76
C ARG E 193 8.45 -29.80 28.11
N LEU E 194 8.23 -31.07 28.45
CA LEU E 194 7.06 -31.81 28.03
C LEU E 194 6.47 -32.38 29.32
N ARG E 195 5.32 -31.89 29.72
CA ARG E 195 4.73 -32.39 30.96
C ARG E 195 3.56 -33.33 30.69
N VAL E 196 3.65 -34.53 31.26
CA VAL E 196 2.60 -35.54 31.10
C VAL E 196 2.22 -36.07 32.49
N SER E 197 1.17 -36.88 32.55
CA SER E 197 0.73 -37.47 33.82
C SER E 197 1.73 -38.50 34.28
N ALA E 198 1.75 -38.77 35.59
CA ALA E 198 2.66 -39.78 36.13
C ALA E 198 2.38 -41.14 35.48
N THR E 199 1.10 -41.49 35.36
CA THR E 199 0.67 -42.76 34.76
C THR E 199 1.23 -42.97 33.36
N PHE E 200 1.16 -41.94 32.54
CA PHE E 200 1.62 -42.06 31.17
C PHE E 200 3.15 -42.24 31.12
N TRP E 201 3.87 -41.54 32.00
CA TRP E 201 5.32 -41.69 32.05
C TRP E 201 5.74 -43.04 32.60
N GLN E 202 4.90 -43.63 33.44
CA GLN E 202 5.20 -44.91 34.09
C GLN E 202 4.91 -46.14 33.22
N ASP E 203 4.24 -45.96 32.09
CA ASP E 203 3.98 -47.07 31.20
C ASP E 203 5.23 -47.24 30.33
N PRO E 204 5.91 -48.41 30.43
CA PRO E 204 7.15 -48.64 29.68
C PRO E 204 7.00 -48.64 28.16
N ARG E 205 5.77 -48.82 27.66
CA ARG E 205 5.51 -48.83 26.21
C ARG E 205 5.63 -47.43 25.55
N ASN E 206 5.56 -46.38 26.37
CA ASN E 206 5.63 -45.00 25.87
C ASN E 206 7.06 -44.54 25.57
N HIS E 207 7.26 -44.06 24.34
CA HIS E 207 8.56 -43.62 23.83
C HIS E 207 8.56 -42.10 23.64
N PHE E 208 9.51 -41.41 24.27
CA PHE E 208 9.59 -39.95 24.17
C PHE E 208 10.84 -39.53 23.36
N ARG E 209 10.67 -38.65 22.39
CA ARG E 209 11.81 -38.17 21.61
C ARG E 209 11.77 -36.65 21.39
N CYS E 210 12.86 -35.99 21.73
CA CYS E 210 13.05 -34.57 21.51
C CYS E 210 13.84 -34.44 20.23
N GLN E 211 13.32 -33.71 19.27
CA GLN E 211 13.97 -33.58 17.98
C GLN E 211 14.29 -32.12 17.67
N VAL E 212 15.55 -31.87 17.30
CA VAL E 212 16.00 -30.52 17.02
C VAL E 212 16.54 -30.34 15.58
N GLN E 213 15.75 -29.65 14.76
CA GLN E 213 16.16 -29.30 13.40
C GLN E 213 17.12 -28.13 13.53
N PHE E 214 18.31 -28.30 12.99
CA PHE E 214 19.32 -27.29 12.98
C PHE E 214 19.60 -26.88 11.52
N TYR E 215 19.78 -25.58 11.31
CA TYR E 215 20.12 -25.04 10.00
C TYR E 215 21.58 -24.62 10.02
N GLY E 216 22.35 -25.24 9.14
CA GLY E 216 23.78 -24.97 9.09
C GLY E 216 24.29 -24.83 7.68
N LEU E 217 25.48 -25.37 7.45
CA LEU E 217 26.12 -25.24 6.16
C LEU E 217 25.50 -26.09 5.09
N SER E 218 25.70 -25.71 3.85
CA SER E 218 25.28 -26.55 2.75
C SER E 218 26.50 -27.49 2.47
N GLU E 219 26.23 -28.66 1.90
CA GLU E 219 27.29 -29.70 1.68
C GLU E 219 28.57 -29.20 0.96
N ASN E 220 28.40 -28.26 0.04
CA ASN E 220 29.51 -27.68 -0.70
C ASN E 220 30.24 -26.46 -0.09
N ASP E 221 29.80 -25.97 1.07
CA ASP E 221 30.44 -24.82 1.65
C ASP E 221 31.88 -25.13 1.97
N GLU E 222 32.73 -24.13 1.81
CA GLU E 222 34.15 -24.25 2.13
C GLU E 222 34.31 -24.70 3.57
N TRP E 223 35.20 -25.66 3.81
CA TRP E 223 35.44 -26.19 5.12
C TRP E 223 36.90 -26.64 5.22
N THR E 224 37.55 -26.32 6.35
CA THR E 224 38.94 -26.68 6.58
C THR E 224 39.16 -27.38 7.94
N GLN E 225 38.14 -27.51 8.76
CA GLN E 225 38.31 -28.11 10.08
C GLN E 225 38.34 -29.65 9.99
N ASP E 226 38.94 -30.27 10.99
CA ASP E 226 39.01 -31.73 11.08
C ASP E 226 37.65 -32.37 11.19
N ARG E 227 36.80 -31.73 11.95
CA ARG E 227 35.48 -32.25 12.23
C ARG E 227 34.55 -32.32 11.03
N ALA E 228 33.58 -33.21 11.12
CA ALA E 228 32.60 -33.35 10.06
C ALA E 228 31.86 -32.02 9.87
N LYS E 229 31.55 -31.72 8.64
CA LYS E 229 30.91 -30.46 8.31
C LYS E 229 29.53 -30.29 9.01
N PRO E 230 29.33 -29.15 9.69
CA PRO E 230 28.07 -28.86 10.44
C PRO E 230 26.95 -28.35 9.54
N VAL E 231 26.41 -29.28 8.76
CA VAL E 231 25.37 -29.00 7.82
C VAL E 231 24.02 -29.03 8.51
N THR E 232 23.02 -28.60 7.76
CA THR E 232 21.65 -28.63 8.21
C THR E 232 21.35 -30.08 8.54
N GLN E 233 20.81 -30.34 9.72
CA GLN E 233 20.55 -31.72 10.14
C GLN E 233 19.62 -31.76 11.35
N ILE E 234 19.07 -32.93 11.58
CA ILE E 234 18.22 -33.17 12.74
C ILE E 234 19.02 -33.97 13.82
N VAL E 235 19.02 -33.46 15.05
CA VAL E 235 19.72 -34.11 16.15
C VAL E 235 18.65 -34.42 17.21
N SER E 236 18.58 -35.65 17.65
CA SER E 236 17.56 -35.96 18.62
C SER E 236 18.06 -36.85 19.76
N ALA E 237 17.23 -36.95 20.82
CA ALA E 237 17.53 -37.82 21.96
C ALA E 237 16.20 -38.39 22.44
N GLU E 238 16.26 -39.50 23.14
CA GLU E 238 15.06 -40.20 23.56
C GLU E 238 15.14 -40.74 24.97
N ALA E 239 13.97 -41.11 25.46
CA ALA E 239 13.82 -41.74 26.76
C ALA E 239 12.58 -42.64 26.68
N TRP E 240 12.57 -43.71 27.45
CA TRP E 240 11.39 -44.59 27.51
C TRP E 240 10.75 -44.40 28.86
N GLY E 241 9.44 -44.64 28.93
CA GLY E 241 8.73 -44.54 30.19
C GLY E 241 9.31 -45.51 31.18
N ARG E 242 9.22 -45.19 32.47
CA ARG E 242 9.79 -46.04 33.53
C ARG E 242 8.93 -46.12 34.78
N ALA E 243 8.73 -47.34 35.27
CA ALA E 243 8.04 -47.58 36.53
C ALA E 243 9.14 -47.50 37.59
N ASP E 244 8.80 -47.06 38.79
CA ASP E 244 9.79 -46.90 39.86
C ASP E 244 10.85 -48.01 39.84
C1 GOL F . 8.19 7.85 0.20
O1 GOL F . 8.58 6.74 -0.55
C2 GOL F . 6.87 7.56 0.92
O2 GOL F . 5.80 8.28 0.35
C3 GOL F . 7.05 7.87 2.43
O3 GOL F . 5.83 7.77 3.12
C1 GOL G . 3.91 2.23 -14.47
O1 GOL G . 3.79 0.86 -13.98
C2 GOL G . 3.52 2.51 -15.95
O2 GOL G . 4.41 3.41 -16.63
C3 GOL G . 2.18 3.17 -16.01
O3 GOL G . 1.87 3.58 -17.33
C1 GOL H . -11.54 20.57 -14.93
O1 GOL H . -12.06 19.69 -15.92
C2 GOL H . -12.39 20.50 -13.66
O2 GOL H . -13.32 19.48 -13.79
C3 GOL H . -11.51 20.20 -12.44
O3 GOL H . -12.17 20.35 -11.18
C1 EDO I . -4.83 18.44 4.77
O1 EDO I . -3.63 19.22 4.84
C2 EDO I . -4.50 16.98 4.57
O2 EDO I . -4.95 16.26 5.71
C1 EDO J . 8.83 19.37 -6.32
O1 EDO J . 8.26 19.84 -7.54
C2 EDO J . 9.15 17.90 -6.49
O2 EDO J . 8.60 17.48 -7.73
C1 EDO K . -20.82 8.65 -23.50
O1 EDO K . -20.50 8.17 -24.81
C2 EDO K . -22.15 8.08 -23.02
O2 EDO K . -22.10 6.65 -22.86
C1 EDO L . -18.27 22.56 -7.68
O1 EDO L . -17.44 23.49 -8.37
C2 EDO L . -19.44 22.20 -8.58
O2 EDO L . -19.05 22.46 -9.93
S SO4 M . -13.82 -3.60 -32.40
O1 SO4 M . -13.84 -5.06 -32.38
O2 SO4 M . -14.64 -3.10 -31.30
O3 SO4 M . -12.42 -3.18 -32.35
O4 SO4 M . -14.39 -3.11 -33.65
S SO4 N . -5.97 -11.95 -32.29
O1 SO4 N . -7.17 -12.34 -31.52
O2 SO4 N . -4.80 -12.08 -31.41
O3 SO4 N . -5.79 -12.83 -33.45
O4 SO4 N . -6.09 -10.57 -32.78
C TAM O . -22.07 4.07 4.43
C1 TAM O . -23.42 4.52 3.86
C2 TAM O . -21.00 3.93 3.32
C3 TAM O . -21.63 5.09 5.47
C4 TAM O . -24.31 3.36 3.45
C5 TAM O . -21.57 3.26 2.05
C6 TAM O . -22.34 5.02 6.83
N TAM O . -22.21 2.79 5.14
O4 TAM O . -25.26 3.86 2.50
O5 TAM O . -21.00 3.76 0.81
O6 TAM O . -22.44 6.36 7.41
C1 EDO P . -8.57 37.08 -28.57
O1 EDO P . -7.30 37.66 -28.89
C2 EDO P . -8.87 35.91 -29.52
O2 EDO P . -7.66 35.28 -29.99
S SO4 Q . 2.19 12.64 -27.89
O1 SO4 Q . 1.63 11.36 -28.34
O2 SO4 Q . 1.56 13.05 -26.63
O3 SO4 Q . 3.65 12.48 -27.68
O4 SO4 Q . 1.96 13.68 -28.90
C1 GOL R . -10.83 -6.56 9.88
O1 GOL R . -10.43 -6.63 8.53
C2 GOL R . -11.84 -7.63 10.38
O2 GOL R . -11.13 -8.81 10.64
C3 GOL R . -12.96 -7.94 9.39
O3 GOL R . -14.22 -8.27 10.02
C1 EDO S . 7.93 -11.38 17.64
O1 EDO S . 9.32 -11.03 17.64
C2 EDO S . 7.53 -11.95 19.01
O2 EDO S . 7.44 -10.93 20.03
C1 GOL T . -8.28 -4.20 -3.50
O1 GOL T . -7.48 -4.28 -4.71
C2 GOL T . -9.44 -5.21 -3.40
O2 GOL T . -8.88 -6.39 -3.48
C3 GOL T . -10.31 -5.31 -2.14
O3 GOL T . -11.13 -4.22 -1.78
C1 EDO U . 21.62 -23.37 4.50
O1 EDO U . 21.36 -23.27 5.91
C2 EDO U . 21.62 -24.86 4.11
O2 EDO U . 20.42 -25.49 4.59
S SO4 V . 22.96 -8.44 -7.33
O1 SO4 V . 22.35 -7.43 -6.47
O2 SO4 V . 23.95 -9.21 -6.58
O3 SO4 V . 23.64 -7.78 -8.45
O4 SO4 V . 21.92 -9.35 -7.87
S SO4 W . 14.94 -21.06 -4.46
O1 SO4 W . 13.84 -21.62 -3.64
O2 SO4 W . 16.21 -21.24 -3.74
O3 SO4 W . 14.72 -19.63 -4.70
O4 SO4 W . 14.98 -21.73 -5.75
C TAM X . 12.06 -11.04 14.05
C1 TAM X . 11.05 -10.08 14.74
C2 TAM X . 11.50 -12.33 13.38
C3 TAM X . 13.56 -10.60 13.77
C4 TAM X . 11.69 -8.91 15.51
C5 TAM X . 10.19 -12.85 14.03
C6 TAM X . 14.28 -11.37 12.65
N TAM X . 11.76 -10.33 12.81
O4 TAM X . 12.45 -9.34 16.68
O5 TAM X . 10.31 -12.96 15.47
O6 TAM X . 15.15 -10.53 11.84
C TAM Y . 9.65 5.05 -4.92
C1 TAM Y . 9.57 4.80 -6.42
C2 TAM Y . 10.69 6.06 -4.40
C3 TAM Y . 8.64 4.52 -3.91
C4 TAM Y . 10.97 4.49 -7.00
C5 TAM Y . 11.29 5.60 -3.08
C6 TAM Y . 9.31 3.33 -3.19
N TAM Y . 8.71 6.14 -5.21
O4 TAM Y . 11.18 3.07 -6.98
O5 TAM Y . 12.57 6.19 -2.89
O6 TAM Y . 8.43 2.38 -2.54
#